data_2CEX
#
_entry.id   2CEX
#
_cell.length_a   131.448
_cell.length_b   88.701
_cell.length_c   115.912
_cell.angle_alpha   90.00
_cell.angle_beta   105.33
_cell.angle_gamma   90.00
#
_symmetry.space_group_name_H-M   'C 1 2 1'
#
loop_
_entity.id
_entity.type
_entity.pdbx_description
1 polymer 'PROTEIN HI0146'
2 non-polymer 'ZINC ION'
3 non-polymer '2-DEOXY-2,3-DEHYDRO-N-ACETYL-NEURAMINIC ACID'
4 non-polymer GLYCEROL
5 water water
#
_entity_poly.entity_id   1
_entity_poly.type   'polypeptide(L)'
_entity_poly.pdbx_seq_one_letter_code
;ADYDLKFGMNAGTSSNEYKAAEMFAKEVKEKSQGKIEISLYPSSQLGDDRAMLKQLKDGSLDFTFAESARFQLFYPEAAV
FALPYVISNYNVAQKALFDTEFGKDLIKKMDKDLGVTLLSQAYNGTRQTTSNRAINSIADMKGLKLRVPNAATNLAYAKY
VGASPTPMAFSEVYLALQTNAVDGQENPLAAVQAQKFYEVQKFLAMTNHILNDQLYLVSNETYKELPEDLQKVVKDAAEN
AAKYHTKLFVDGEKDLVTFFEKQGVKITHPDLVPFKESMKPYYAEFVKQTGQKGESALKQIEAINP
;
_entity_poly.pdbx_strand_id   A,B,C,D
#
loop_
_chem_comp.id
_chem_comp.type
_chem_comp.name
_chem_comp.formula
DAN D-saccharide '2-DEOXY-2,3-DEHYDRO-N-ACETYL-NEURAMINIC ACID' 'C11 H17 N O8'
GOL non-polymer GLYCEROL 'C3 H8 O3'
ZN non-polymer 'ZINC ION' 'Zn 2'
#
# COMPACT_ATOMS: atom_id res chain seq x y z
N ASP A 2 24.32 29.33 6.05
CA ASP A 2 23.04 28.74 6.55
C ASP A 2 23.25 27.40 7.29
N TYR A 3 22.37 27.11 8.26
CA TYR A 3 22.36 25.83 9.00
C TYR A 3 21.33 24.87 8.40
N ASP A 4 21.80 23.72 7.89
CA ASP A 4 20.96 22.70 7.24
C ASP A 4 20.62 21.55 8.19
N LEU A 5 19.50 21.65 8.89
CA LEU A 5 19.27 20.80 10.07
C LEU A 5 18.25 19.70 9.82
N LYS A 6 18.45 18.55 10.42
CA LYS A 6 17.58 17.42 10.19
C LYS A 6 16.77 17.24 11.46
N PHE A 7 15.53 16.81 11.30
CA PHE A 7 14.68 16.43 12.43
C PHE A 7 14.02 15.05 12.11
N GLY A 8 14.41 14.02 12.86
CA GLY A 8 13.79 12.69 12.77
C GLY A 8 12.79 12.39 13.88
N MET A 9 11.96 11.40 13.62
CA MET A 9 10.87 11.05 14.52
C MET A 9 10.32 9.69 14.05
N ASN A 10 9.80 8.90 14.98
CA ASN A 10 9.12 7.64 14.64
C ASN A 10 7.74 7.82 13.98
N ALA A 11 7.09 8.97 14.21
CA ALA A 11 5.71 9.15 13.74
C ALA A 11 5.63 9.43 12.23
N GLY A 12 4.41 9.37 11.67
CA GLY A 12 4.19 9.55 10.23
C GLY A 12 3.70 10.94 9.83
N THR A 13 3.73 11.23 8.51
CA THR A 13 3.35 12.55 7.94
C THR A 13 1.93 13.02 8.33
N SER A 14 1.03 12.05 8.52
CA SER A 14 -0.34 12.32 8.97
C SER A 14 -0.51 12.43 10.49
N SER A 15 0.59 12.55 11.24
CA SER A 15 0.54 12.52 12.69
C SER A 15 0.57 13.91 13.27
N ASN A 16 0.12 14.00 14.52
CA ASN A 16 0.08 15.25 15.32
C ASN A 16 1.48 15.72 15.61
N GLU A 17 2.35 14.77 15.90
CA GLU A 17 3.78 14.98 16.12
C GLU A 17 4.47 15.63 14.91
N TYR A 18 4.11 15.15 13.73
CA TYR A 18 4.64 15.67 12.47
C TYR A 18 4.08 17.04 12.10
N LYS A 19 2.78 17.25 12.33
CA LYS A 19 2.10 18.50 11.97
C LYS A 19 2.72 19.64 12.75
N ALA A 20 3.09 19.29 13.97
CA ALA A 20 3.63 20.20 14.98
C ALA A 20 5.13 20.53 14.79
N ALA A 21 5.90 19.52 14.35
CA ALA A 21 7.28 19.70 13.93
C ALA A 21 7.40 20.52 12.62
N GLU A 22 6.39 20.41 11.76
CA GLU A 22 6.24 21.27 10.58
C GLU A 22 6.19 22.72 11.01
N MET A 23 5.36 23.00 12.02
CA MET A 23 5.26 24.32 12.61
C MET A 23 6.60 24.83 13.17
N PHE A 24 7.21 24.02 14.03
CA PHE A 24 8.49 24.32 14.62
C PHE A 24 9.53 24.72 13.53
N ALA A 25 9.51 23.98 12.44
CA ALA A 25 10.42 24.18 11.31
C ALA A 25 10.09 25.47 10.56
N LYS A 26 8.80 25.70 10.29
CA LYS A 26 8.31 26.96 9.76
C LYS A 26 8.90 28.14 10.54
N GLU A 27 8.61 28.16 11.84
CA GLU A 27 8.99 29.27 12.70
C GLU A 27 10.51 29.50 12.80
N VAL A 28 11.27 28.42 12.93
CA VAL A 28 12.74 28.55 12.99
C VAL A 28 13.29 29.16 11.71
N LYS A 29 12.70 28.82 10.56
CA LYS A 29 13.12 29.42 9.28
C LYS A 29 12.77 30.93 9.18
N GLU A 30 11.55 31.30 9.54
CA GLU A 30 11.11 32.69 9.45
C GLU A 30 11.97 33.53 10.38
N LYS A 31 11.96 33.15 11.65
CA LYS A 31 12.57 33.95 12.72
C LYS A 31 14.10 33.92 12.83
N SER A 32 14.75 33.02 12.09
CA SER A 32 16.20 33.06 11.94
C SER A 32 16.51 33.77 10.62
N GLN A 33 15.48 34.48 10.11
CA GLN A 33 15.55 35.19 8.85
C GLN A 33 16.20 34.30 7.81
N GLY A 34 15.82 33.02 7.77
CA GLY A 34 16.27 32.10 6.73
C GLY A 34 17.54 31.33 7.04
N LYS A 35 18.33 31.78 8.02
CA LYS A 35 19.61 31.14 8.38
C LYS A 35 19.51 29.64 8.68
N ILE A 36 18.45 29.22 9.37
CA ILE A 36 18.24 27.83 9.73
C ILE A 36 16.99 27.25 9.02
N GLU A 37 17.07 25.96 8.71
CA GLU A 37 16.13 25.25 7.86
C GLU A 37 16.21 23.78 8.31
N ILE A 38 15.04 23.25 8.69
CA ILE A 38 14.94 21.93 9.30
C ILE A 38 14.13 21.01 8.41
N SER A 39 14.78 19.93 7.96
CA SER A 39 14.12 18.92 7.16
C SER A 39 13.53 17.86 8.08
N LEU A 40 12.46 17.22 7.64
CA LEU A 40 11.78 16.21 8.47
C LEU A 40 12.03 14.79 7.97
N TYR A 41 12.35 13.89 8.90
CA TYR A 41 12.61 12.50 8.58
C TYR A 41 11.67 11.62 9.38
N PRO A 42 10.42 11.51 8.91
CA PRO A 42 9.41 10.76 9.64
C PRO A 42 9.56 9.24 9.52
N SER A 43 8.71 8.51 10.25
CA SER A 43 8.54 7.06 10.10
C SER A 43 9.81 6.23 10.31
N SER A 44 10.59 6.56 11.34
CA SER A 44 11.82 5.85 11.70
C SER A 44 12.84 5.80 10.54
N GLN A 45 12.84 6.82 9.67
CA GLN A 45 13.68 6.79 8.45
C GLN A 45 15.17 6.68 8.81
N LEU A 46 15.56 7.27 9.92
CA LEU A 46 16.97 7.35 10.33
C LEU A 46 17.35 6.28 11.38
N GLY A 47 16.36 5.54 11.84
CA GLY A 47 16.54 4.56 12.91
C GLY A 47 15.32 4.62 13.78
N ASP A 48 15.30 3.82 14.85
CA ASP A 48 14.26 3.91 15.87
C ASP A 48 14.61 5.10 16.77
N ASP A 49 13.77 5.38 17.77
CA ASP A 49 14.07 6.41 18.77
C ASP A 49 15.49 6.35 19.38
N ARG A 50 15.99 5.14 19.65
CA ARG A 50 17.22 4.97 20.42
C ARG A 50 18.43 5.36 19.60
N ALA A 51 18.33 5.04 18.31
CA ALA A 51 19.34 5.35 17.32
C ALA A 51 19.35 6.87 17.13
N MET A 52 18.18 7.48 17.10
CA MET A 52 18.05 8.92 16.88
C MET A 52 18.62 9.70 18.07
N LEU A 53 18.37 9.17 19.26
CA LEU A 53 18.94 9.64 20.54
C LEU A 53 20.44 9.57 20.58
N LYS A 54 20.98 8.42 20.12
CA LYS A 54 22.41 8.24 19.97
C LYS A 54 22.96 9.24 18.95
N GLN A 55 22.27 9.39 17.82
CA GLN A 55 22.68 10.37 16.80
C GLN A 55 22.63 11.82 17.27
N LEU A 56 21.74 12.12 18.21
CA LEU A 56 21.74 13.44 18.80
C LEU A 56 22.98 13.61 19.64
N LYS A 57 23.37 12.57 20.36
CA LYS A 57 24.59 12.60 21.17
C LYS A 57 25.81 12.78 20.27
N ASP A 58 25.94 11.97 19.21
CA ASP A 58 27.09 12.14 18.27
C ASP A 58 26.99 13.40 17.36
N GLY A 59 25.85 14.10 17.38
CA GLY A 59 25.66 15.34 16.59
C GLY A 59 25.26 15.18 15.12
N SER A 60 25.05 13.94 14.70
CA SER A 60 24.74 13.61 13.29
C SER A 60 23.26 13.75 12.96
N LEU A 61 22.43 13.89 14.00
CA LEU A 61 21.02 14.29 13.87
C LEU A 61 20.72 15.46 14.81
N ASP A 62 20.03 16.47 14.30
CA ASP A 62 19.88 17.72 15.01
C ASP A 62 18.73 17.71 15.99
N PHE A 63 17.58 17.21 15.56
CA PHE A 63 16.44 17.09 16.48
C PHE A 63 15.82 15.67 16.47
N THR A 64 15.16 15.32 17.58
CA THR A 64 14.31 14.13 17.65
C THR A 64 13.26 14.20 18.74
N PHE A 65 12.33 13.26 18.68
CA PHE A 65 11.27 13.09 19.67
C PHE A 65 11.56 11.96 20.65
N ALA A 66 11.03 12.09 21.86
CA ALA A 66 11.18 11.08 22.91
C ALA A 66 10.13 11.26 24.03
N GLU A 67 9.57 10.15 24.51
CA GLU A 67 8.71 10.21 25.66
C GLU A 67 9.65 10.24 26.88
N SER A 68 9.14 10.70 28.01
CA SER A 68 9.91 10.81 29.22
C SER A 68 10.12 9.44 29.86
N ALA A 69 9.12 8.54 29.73
CA ALA A 69 9.26 7.15 30.20
C ALA A 69 10.35 6.39 29.45
N ARG A 70 10.65 6.84 28.23
CA ARG A 70 11.57 6.16 27.35
C ARG A 70 13.02 6.21 27.87
N PHE A 71 13.27 7.19 28.73
CA PHE A 71 14.55 7.37 29.40
C PHE A 71 14.91 6.35 30.45
N GLN A 72 13.99 5.42 30.73
CA GLN A 72 14.21 4.37 31.72
C GLN A 72 15.21 3.34 31.29
N LEU A 73 15.51 3.34 29.99
CA LEU A 73 16.67 2.65 29.41
C LEU A 73 18.00 3.15 30.00
N PHE A 74 18.02 4.37 30.50
CA PHE A 74 19.22 4.90 31.12
C PHE A 74 19.07 4.89 32.63
N TYR A 75 17.93 5.37 33.08
CA TYR A 75 17.64 5.47 34.50
C TYR A 75 16.34 4.74 34.81
N PRO A 76 16.41 3.51 35.36
CA PRO A 76 15.20 2.65 35.60
C PRO A 76 14.03 3.29 36.37
N GLU A 77 14.36 4.17 37.32
CA GLU A 77 13.37 4.95 38.08
C GLU A 77 12.51 5.85 37.20
N ALA A 78 13.03 6.19 36.02
CA ALA A 78 12.34 6.97 35.00
C ALA A 78 11.07 6.31 34.40
N ALA A 79 10.92 4.99 34.61
CA ALA A 79 9.71 4.30 34.19
C ALA A 79 8.51 4.69 35.06
N VAL A 80 8.74 5.53 36.09
CA VAL A 80 7.70 6.12 36.95
C VAL A 80 6.61 6.84 36.14
N PHE A 81 7.06 7.41 35.03
CA PHE A 81 6.24 8.16 34.07
C PHE A 81 5.17 7.33 33.36
N ALA A 82 5.41 6.03 33.25
CA ALA A 82 4.49 5.09 32.61
C ALA A 82 3.90 4.08 33.58
N LEU A 83 4.13 4.28 34.86
CA LEU A 83 3.51 3.44 35.87
C LEU A 83 2.01 3.75 35.92
N PRO A 84 1.19 2.71 35.84
CA PRO A 84 -0.25 2.92 35.74
C PRO A 84 -0.82 3.72 36.90
N TYR A 85 -1.53 4.79 36.55
CA TYR A 85 -2.18 5.71 37.49
C TYR A 85 -1.26 6.63 38.29
N VAL A 86 0.03 6.63 37.97
CA VAL A 86 0.98 7.53 38.64
C VAL A 86 0.86 8.96 38.09
N ILE A 87 0.64 9.07 36.78
CA ILE A 87 0.42 10.34 36.13
C ILE A 87 -1.08 10.42 35.84
N SER A 88 -1.81 11.04 36.77
CA SER A 88 -3.28 11.19 36.68
C SER A 88 -3.69 11.97 35.45
N ASN A 89 -2.92 13.00 35.15
CA ASN A 89 -3.23 13.82 34.03
C ASN A 89 -1.93 14.45 33.50
N TYR A 90 -2.07 15.34 32.52
CA TYR A 90 -0.94 15.92 31.83
C TYR A 90 -0.33 17.00 32.70
N ASN A 91 -1.16 17.60 33.55
CA ASN A 91 -0.65 18.57 34.52
C ASN A 91 0.36 17.89 35.46
N VAL A 92 0.08 16.65 35.85
CA VAL A 92 1.04 15.81 36.60
C VAL A 92 2.33 15.55 35.76
N ALA A 93 2.21 15.25 34.46
CA ALA A 93 3.41 14.95 33.64
C ALA A 93 4.42 16.12 33.53
N GLN A 94 3.90 17.35 33.58
CA GLN A 94 4.70 18.57 33.45
C GLN A 94 5.36 18.96 34.74
N LYS A 95 4.58 18.93 35.81
CA LYS A 95 5.07 19.23 37.14
C LYS A 95 6.05 18.14 37.55
N ALA A 96 5.72 16.87 37.26
CA ALA A 96 6.68 15.75 37.45
C ALA A 96 8.05 15.99 36.76
N LEU A 97 8.02 16.38 35.48
CA LEU A 97 9.27 16.59 34.73
C LEU A 97 10.02 17.86 35.16
N PHE A 98 9.29 18.97 35.27
CA PHE A 98 9.89 20.30 35.45
C PHE A 98 9.91 20.78 36.89
N ASP A 99 8.93 20.36 37.69
CA ASP A 99 8.76 20.85 39.08
C ASP A 99 8.96 19.75 40.14
N THR A 100 9.93 18.87 39.96
CA THR A 100 10.33 17.95 41.04
C THR A 100 11.84 17.82 41.02
N GLU A 101 12.43 17.45 42.16
CA GLU A 101 13.85 17.14 42.23
C GLU A 101 14.19 15.96 41.31
N PHE A 102 13.45 14.87 41.38
CA PHE A 102 13.60 13.77 40.41
C PHE A 102 13.73 14.28 38.94
N GLY A 103 12.77 15.11 38.50
CA GLY A 103 12.63 15.54 37.09
C GLY A 103 13.60 16.62 36.64
N LYS A 104 13.68 17.72 37.40
CA LYS A 104 14.83 18.66 37.33
C LYS A 104 16.20 17.94 37.15
N ASP A 105 16.41 16.83 37.85
CA ASP A 105 17.67 16.10 37.82
C ASP A 105 17.84 15.25 36.57
N LEU A 106 16.74 14.76 36.05
CA LEU A 106 16.76 13.85 34.90
C LEU A 106 17.01 14.59 33.59
N ILE A 107 16.53 15.83 33.53
CA ILE A 107 16.88 16.80 32.49
C ILE A 107 18.38 17.16 32.53
N LYS A 108 18.90 17.36 33.74
CA LYS A 108 20.36 17.50 33.97
C LYS A 108 21.17 16.26 33.57
N LYS A 109 20.61 15.06 33.74
CA LYS A 109 21.27 13.83 33.29
C LYS A 109 21.24 13.70 31.77
N MET A 110 20.05 13.94 31.20
CA MET A 110 19.80 14.04 29.74
C MET A 110 20.87 14.81 29.00
N ASP A 111 21.26 15.91 29.64
CA ASP A 111 22.28 16.77 29.12
C ASP A 111 23.68 16.18 29.37
N LYS A 112 24.10 16.19 30.63
CA LYS A 112 25.48 15.79 31.04
C LYS A 112 25.91 14.41 30.49
N ASP A 113 25.02 13.41 30.62
CA ASP A 113 25.28 12.01 30.22
C ASP A 113 24.89 11.77 28.77
N LEU A 114 23.73 12.28 28.35
CA LEU A 114 23.15 11.94 27.02
C LEU A 114 23.27 13.03 25.90
N GLY A 115 23.91 14.16 26.18
CA GLY A 115 24.20 15.17 25.15
C GLY A 115 22.96 15.69 24.44
N VAL A 116 21.96 16.03 25.24
CA VAL A 116 20.64 16.33 24.75
C VAL A 116 20.12 17.48 25.58
N THR A 117 19.67 18.52 24.88
CA THR A 117 18.99 19.64 25.50
C THR A 117 17.43 19.52 25.36
N LEU A 118 16.74 19.45 26.47
CA LEU A 118 15.29 19.44 26.41
C LEU A 118 14.73 20.84 26.17
N LEU A 119 14.07 21.02 25.03
CA LEU A 119 13.56 22.34 24.64
C LEU A 119 12.14 22.57 25.09
N SER A 120 11.31 21.53 24.97
CA SER A 120 9.91 21.59 25.39
C SER A 120 9.27 20.23 25.50
N GLN A 121 8.17 20.19 26.24
CA GLN A 121 7.36 18.99 26.44
C GLN A 121 5.94 19.16 25.86
N ALA A 122 5.42 18.09 25.25
CA ALA A 122 4.01 18.02 24.80
C ALA A 122 3.25 16.82 25.32
N TYR A 123 1.92 16.96 25.24
CA TYR A 123 0.97 15.88 25.49
C TYR A 123 0.81 15.04 24.19
N ASN A 124 0.94 13.73 24.32
CA ASN A 124 0.92 12.81 23.19
C ASN A 124 -0.17 11.74 23.34
N GLY A 125 -1.14 11.99 24.23
CA GLY A 125 -2.30 11.15 24.42
C GLY A 125 -2.28 10.17 25.60
N THR A 126 -3.48 9.83 26.04
CA THR A 126 -3.71 8.83 27.10
C THR A 126 -4.25 7.49 26.51
N ARG A 127 -3.83 6.39 27.16
CA ARG A 127 -4.35 5.06 26.89
C ARG A 127 -5.68 4.81 27.63
N GLN A 128 -6.63 4.24 26.89
CA GLN A 128 -7.98 3.98 27.37
C GLN A 128 -8.33 2.55 26.97
N THR A 129 -9.46 2.05 27.46
CA THR A 129 -9.78 0.60 27.38
C THR A 129 -11.12 0.29 26.68
N THR A 130 -11.05 -0.42 25.56
CA THR A 130 -12.24 -0.85 24.80
C THR A 130 -12.59 -2.32 25.11
N SER A 131 -13.87 -2.64 25.07
CA SER A 131 -14.31 -3.97 25.47
C SER A 131 -15.62 -4.36 24.75
N ASN A 132 -15.86 -5.68 24.74
CA ASN A 132 -17.10 -6.26 24.21
C ASN A 132 -18.28 -6.09 25.16
N ARG A 133 -17.99 -5.72 26.42
CA ARG A 133 -18.99 -5.35 27.43
C ARG A 133 -18.55 -4.17 28.32
N ALA A 134 -19.51 -3.48 28.95
CA ALA A 134 -19.21 -2.19 29.58
C ALA A 134 -18.33 -2.36 30.80
N ILE A 135 -17.36 -1.46 30.96
CA ILE A 135 -16.64 -1.28 32.20
C ILE A 135 -17.23 -0.05 32.89
N ASN A 136 -18.13 -0.32 33.83
CA ASN A 136 -18.71 0.67 34.70
C ASN A 136 -17.92 0.88 35.99
N SER A 137 -17.28 -0.19 36.46
CA SER A 137 -16.34 -0.12 37.56
C SER A 137 -15.23 -1.19 37.43
N ILE A 138 -14.36 -1.22 38.42
CA ILE A 138 -13.25 -2.13 38.45
C ILE A 138 -13.75 -3.56 38.60
N ALA A 139 -14.97 -3.73 39.12
CA ALA A 139 -15.51 -5.08 39.33
C ALA A 139 -15.80 -5.72 37.99
N ASP A 140 -16.05 -4.91 36.96
CA ASP A 140 -16.14 -5.37 35.57
C ASP A 140 -14.83 -5.87 34.95
N MET A 141 -13.69 -5.44 35.46
CA MET A 141 -12.40 -5.89 34.94
C MET A 141 -12.17 -7.41 35.08
N LYS A 142 -12.85 -7.99 36.06
CA LYS A 142 -12.74 -9.38 36.42
C LYS A 142 -13.31 -10.26 35.29
N GLY A 143 -12.45 -11.13 34.76
CA GLY A 143 -12.82 -12.07 33.70
C GLY A 143 -12.37 -11.64 32.32
N LEU A 144 -12.09 -10.37 32.17
CA LEU A 144 -11.87 -9.82 30.85
C LEU A 144 -10.52 -10.27 30.31
N LYS A 145 -10.51 -10.82 29.10
CA LYS A 145 -9.26 -11.07 28.41
C LYS A 145 -8.88 -9.73 27.82
N LEU A 146 -7.97 -9.03 28.49
CA LEU A 146 -7.50 -7.71 28.05
C LEU A 146 -6.17 -7.83 27.30
N ARG A 147 -6.20 -7.55 26.00
CA ARG A 147 -4.97 -7.52 25.26
C ARG A 147 -4.17 -6.24 25.54
N VAL A 148 -2.88 -6.49 25.81
CA VAL A 148 -1.86 -5.51 26.11
C VAL A 148 -0.71 -5.86 25.20
N PRO A 149 0.14 -4.86 24.84
CA PRO A 149 1.45 -5.28 24.30
C PRO A 149 2.29 -5.97 25.38
N ASN A 150 3.38 -6.56 24.92
CA ASN A 150 4.29 -7.28 25.77
C ASN A 150 5.24 -6.25 26.35
N ALA A 151 4.77 -5.57 27.38
CA ALA A 151 5.50 -4.54 28.07
C ALA A 151 5.03 -4.58 29.50
N ALA A 152 6.01 -4.56 30.40
CA ALA A 152 5.81 -4.71 31.84
C ALA A 152 4.70 -3.83 32.41
N THR A 153 4.71 -2.54 32.05
CA THR A 153 3.72 -1.59 32.58
C THR A 153 2.28 -1.92 32.12
N ASN A 154 2.11 -2.30 30.85
CA ASN A 154 0.82 -2.69 30.30
C ASN A 154 0.24 -4.00 30.95
N LEU A 155 1.04 -5.05 30.97
CA LEU A 155 0.72 -6.29 31.72
C LEU A 155 0.41 -6.02 33.22
N ALA A 156 1.16 -5.13 33.86
CA ALA A 156 0.91 -4.75 35.25
C ALA A 156 -0.45 -4.06 35.37
N TYR A 157 -0.82 -3.29 34.37
CA TYR A 157 -2.15 -2.69 34.36
C TYR A 157 -3.26 -3.76 34.32
N ALA A 158 -3.29 -4.55 33.25
CA ALA A 158 -4.26 -5.65 33.11
C ALA A 158 -4.29 -6.55 34.34
N LYS A 159 -3.13 -6.81 34.91
CA LYS A 159 -3.00 -7.77 35.99
C LYS A 159 -3.64 -7.29 37.28
N TYR A 160 -3.18 -6.10 37.69
CA TYR A 160 -3.49 -5.62 39.03
C TYR A 160 -4.88 -5.07 39.15
N VAL A 161 -5.55 -4.72 38.04
CA VAL A 161 -6.97 -4.29 38.08
C VAL A 161 -7.99 -5.47 38.13
N GLY A 162 -7.46 -6.69 38.02
CA GLY A 162 -8.25 -7.91 38.04
C GLY A 162 -8.48 -8.56 36.69
N ALA A 163 -7.93 -7.95 35.64
CA ALA A 163 -8.11 -8.48 34.29
C ALA A 163 -7.22 -9.69 34.03
N SER A 164 -7.42 -10.25 32.84
CA SER A 164 -6.63 -11.38 32.39
C SER A 164 -5.77 -10.84 31.25
N PRO A 165 -4.47 -10.52 31.53
CA PRO A 165 -3.61 -9.96 30.48
C PRO A 165 -3.36 -10.99 29.38
N THR A 166 -3.36 -10.51 28.14
CA THR A 166 -3.34 -11.36 26.99
C THR A 166 -2.42 -10.70 25.92
N PRO A 167 -1.10 -10.88 26.08
CA PRO A 167 -0.24 -10.37 25.04
C PRO A 167 -0.53 -11.12 23.75
N MET A 168 -0.61 -10.39 22.64
CA MET A 168 -0.61 -10.97 21.29
C MET A 168 -0.11 -9.94 20.29
N ALA A 169 0.27 -10.41 19.10
CA ALA A 169 0.76 -9.54 18.03
C ALA A 169 -0.30 -8.51 17.63
N PHE A 170 0.07 -7.25 17.46
CA PHE A 170 -0.90 -6.13 17.22
C PHE A 170 -1.84 -6.40 16.02
N SER A 171 -1.32 -7.05 14.97
CA SER A 171 -2.08 -7.31 13.76
C SER A 171 -3.16 -8.40 13.95
N GLU A 172 -2.98 -9.21 15.00
CA GLU A 172 -3.92 -10.27 15.35
C GLU A 172 -5.07 -9.73 16.18
N VAL A 173 -4.99 -8.47 16.60
CA VAL A 173 -5.91 -7.95 17.60
C VAL A 173 -7.33 -7.72 17.04
N TYR A 174 -7.47 -7.31 15.78
CA TYR A 174 -8.82 -7.06 15.24
C TYR A 174 -9.73 -8.27 15.32
N LEU A 175 -9.28 -9.41 14.74
CA LEU A 175 -10.09 -10.64 14.67
C LEU A 175 -10.29 -11.33 16.02
N ALA A 176 -9.30 -11.17 16.88
CA ALA A 176 -9.37 -11.64 18.25
C ALA A 176 -10.53 -10.97 18.99
N LEU A 177 -10.74 -9.69 18.70
CA LEU A 177 -11.81 -8.87 19.29
C LEU A 177 -13.16 -9.23 18.68
N GLN A 178 -13.19 -9.29 17.35
CA GLN A 178 -14.36 -9.65 16.53
C GLN A 178 -15.04 -10.98 16.95
N THR A 179 -14.22 -12.02 17.13
CA THR A 179 -14.70 -13.37 17.42
C THR A 179 -14.65 -13.64 18.92
N ASN A 180 -14.38 -12.59 19.69
CA ASN A 180 -14.41 -12.58 21.16
C ASN A 180 -13.52 -13.65 21.79
N ALA A 181 -12.41 -13.96 21.11
CA ALA A 181 -11.33 -14.77 21.66
C ALA A 181 -10.70 -13.94 22.75
N VAL A 182 -10.62 -12.66 22.45
CA VAL A 182 -10.16 -11.66 23.41
C VAL A 182 -11.28 -10.67 23.55
N ASP A 183 -11.42 -10.13 24.76
CA ASP A 183 -12.52 -9.27 25.15
C ASP A 183 -12.32 -7.77 24.97
N GLY A 184 -11.13 -7.30 25.33
CA GLY A 184 -10.77 -5.92 25.07
C GLY A 184 -9.31 -5.70 24.73
N GLN A 185 -8.97 -4.42 24.55
CA GLN A 185 -7.61 -3.97 24.36
C GLN A 185 -7.44 -2.56 24.98
N GLU A 186 -6.20 -2.11 25.09
CA GLU A 186 -5.93 -0.73 25.43
C GLU A 186 -4.85 -0.19 24.53
N ASN A 187 -4.79 1.11 24.44
CA ASN A 187 -4.02 1.80 23.40
C ASN A 187 -4.58 3.19 23.30
N PRO A 188 -3.76 4.14 22.80
CA PRO A 188 -4.33 5.45 22.51
C PRO A 188 -5.48 5.40 21.52
N LEU A 189 -6.34 6.39 21.61
CA LEU A 189 -7.58 6.44 20.81
C LEU A 189 -7.32 6.45 19.30
N ALA A 190 -6.17 6.98 18.89
CA ALA A 190 -5.80 7.03 17.47
C ALA A 190 -5.58 5.64 16.89
N ALA A 191 -5.10 4.70 17.70
CA ALA A 191 -5.01 3.29 17.31
C ALA A 191 -6.39 2.65 17.17
N VAL A 192 -7.25 2.88 18.16
CA VAL A 192 -8.64 2.41 18.08
C VAL A 192 -9.27 2.71 16.73
N GLN A 193 -9.04 3.95 16.27
CA GLN A 193 -9.59 4.46 15.02
C GLN A 193 -8.81 3.90 13.82
N ALA A 194 -7.48 3.98 13.94
CA ALA A 194 -6.54 3.49 12.92
C ALA A 194 -6.74 2.03 12.59
N GLN A 195 -7.05 1.23 13.61
CA GLN A 195 -7.17 -0.22 13.48
C GLN A 195 -8.63 -0.69 13.39
N LYS A 196 -9.55 0.29 13.51
CA LYS A 196 -11.00 0.08 13.32
C LYS A 196 -11.66 -0.74 14.44
N PHE A 197 -11.11 -0.59 15.63
CA PHE A 197 -11.50 -1.40 16.77
C PHE A 197 -12.88 -1.04 17.20
N TYR A 198 -13.28 0.21 16.98
CA TYR A 198 -14.68 0.61 17.16
C TYR A 198 -15.69 -0.30 16.44
N GLU A 199 -15.27 -0.92 15.34
CA GLU A 199 -16.10 -1.86 14.58
C GLU A 199 -16.39 -3.12 15.35
N VAL A 200 -15.41 -3.53 16.16
CA VAL A 200 -15.42 -4.79 16.94
C VAL A 200 -15.41 -4.58 18.46
N GLN A 201 -15.59 -3.33 18.86
CA GLN A 201 -15.67 -3.00 20.28
C GLN A 201 -16.86 -2.04 20.49
N LYS A 202 -17.82 -2.47 21.29
CA LYS A 202 -19.01 -1.67 21.50
C LYS A 202 -18.88 -0.69 22.68
N PHE A 203 -17.80 -0.83 23.45
CA PHE A 203 -17.60 -0.06 24.69
C PHE A 203 -16.19 0.49 24.78
N LEU A 204 -16.11 1.76 25.19
CA LEU A 204 -14.87 2.47 25.47
C LEU A 204 -14.91 3.05 26.89
N ALA A 205 -13.96 2.63 27.73
CA ALA A 205 -13.78 3.12 29.11
C ALA A 205 -12.63 4.15 29.25
N MET A 206 -12.96 5.33 29.77
CA MET A 206 -11.94 6.34 30.08
C MET A 206 -11.21 5.89 31.33
N THR A 207 -10.17 5.06 31.16
CA THR A 207 -9.47 4.46 32.28
C THR A 207 -8.20 5.24 32.64
N ASN A 208 -7.77 6.12 31.76
CA ASN A 208 -6.76 7.10 32.09
C ASN A 208 -5.49 6.46 32.73
N HIS A 209 -5.15 5.26 32.27
CA HIS A 209 -4.24 4.39 33.02
C HIS A 209 -2.74 4.67 32.77
N ILE A 210 -2.40 4.85 31.49
CA ILE A 210 -1.10 5.37 31.10
C ILE A 210 -1.27 6.62 30.16
N LEU A 211 -0.43 7.63 30.40
CA LEU A 211 -0.35 8.85 29.64
C LEU A 211 1.01 8.97 28.90
N ASN A 212 0.95 9.32 27.62
CA ASN A 212 2.16 9.58 26.81
C ASN A 212 2.42 11.08 26.64
N ASP A 213 3.71 11.43 26.69
CA ASP A 213 4.18 12.79 26.40
C ASP A 213 5.16 12.76 25.21
N GLN A 214 5.66 13.92 24.79
CA GLN A 214 6.69 13.98 23.77
C GLN A 214 7.69 15.12 24.05
N LEU A 215 8.98 14.80 24.02
CA LEU A 215 9.99 15.81 24.23
C LEU A 215 10.56 16.31 22.91
N TYR A 216 10.64 17.63 22.80
CA TYR A 216 11.41 18.34 21.75
C TYR A 216 12.91 18.46 22.16
N LEU A 217 13.74 17.65 21.51
CA LEU A 217 15.13 17.49 21.90
C LEU A 217 16.02 17.97 20.79
N VAL A 218 17.07 18.69 21.20
CA VAL A 218 18.10 19.16 20.27
C VAL A 218 19.44 18.56 20.69
N SER A 219 20.31 18.32 19.71
CA SER A 219 21.65 17.87 19.98
C SER A 219 22.40 19.03 20.63
N ASN A 220 23.17 18.71 21.68
CA ASN A 220 24.05 19.71 22.30
C ASN A 220 25.10 20.23 21.32
N GLU A 221 25.57 19.34 20.44
CA GLU A 221 26.58 19.73 19.42
C GLU A 221 26.04 20.81 18.46
N THR A 222 24.73 20.77 18.22
CA THR A 222 24.07 21.73 17.37
C THR A 222 23.77 22.99 18.18
N TYR A 223 23.02 22.82 19.27
CA TYR A 223 22.45 23.92 20.04
C TYR A 223 23.49 24.94 20.53
N LYS A 224 24.63 24.45 21.02
CA LYS A 224 25.64 25.35 21.58
C LYS A 224 26.61 25.90 20.49
N GLU A 225 26.76 25.19 19.37
CA GLU A 225 27.38 25.78 18.17
C GLU A 225 26.55 26.92 17.57
N LEU A 226 25.23 26.89 17.79
CA LEU A 226 24.39 28.04 17.44
C LEU A 226 24.71 29.26 18.33
N PRO A 227 24.71 30.48 17.73
CA PRO A 227 24.66 31.78 18.40
C PRO A 227 23.48 31.96 19.37
N GLU A 228 23.70 32.74 20.44
CA GLU A 228 22.73 32.94 21.53
C GLU A 228 21.33 33.36 21.03
N ASP A 229 21.29 34.26 20.05
CA ASP A 229 20.01 34.71 19.46
C ASP A 229 19.26 33.59 18.75
N LEU A 230 20.00 32.68 18.12
CA LEU A 230 19.42 31.62 17.27
C LEU A 230 19.04 30.39 18.10
N GLN A 231 19.78 30.17 19.16
CA GLN A 231 19.31 29.30 20.25
C GLN A 231 17.91 29.63 20.81
N LYS A 232 17.69 30.91 21.12
CA LYS A 232 16.42 31.41 21.65
C LYS A 232 15.31 31.31 20.59
N VAL A 233 15.64 31.57 19.32
CA VAL A 233 14.71 31.34 18.20
C VAL A 233 14.21 29.88 18.15
N VAL A 234 15.15 28.95 18.34
CA VAL A 234 14.87 27.51 18.30
C VAL A 234 14.07 27.04 19.53
N LYS A 235 14.39 27.59 20.69
CA LYS A 235 13.76 27.28 21.99
C LYS A 235 12.35 27.82 22.03
N ASP A 236 12.17 29.06 21.60
CA ASP A 236 10.85 29.68 21.60
C ASP A 236 9.89 28.92 20.72
N ALA A 237 10.41 28.46 19.59
CA ALA A 237 9.65 27.78 18.54
C ALA A 237 9.22 26.41 18.95
N ALA A 238 10.02 25.76 19.77
CA ALA A 238 9.65 24.44 20.29
C ALA A 238 8.70 24.55 21.50
N GLU A 239 8.72 25.67 22.22
CA GLU A 239 7.68 25.93 23.23
C GLU A 239 6.31 26.23 22.58
N ASN A 240 6.33 26.90 21.44
CA ASN A 240 5.13 27.18 20.65
C ASN A 240 4.57 25.95 19.97
N ALA A 241 5.48 25.16 19.38
CA ALA A 241 5.14 23.92 18.70
C ALA A 241 4.57 22.92 19.68
N ALA A 242 5.10 22.93 20.91
CA ALA A 242 4.66 21.99 21.95
C ALA A 242 3.22 22.27 22.42
N LYS A 243 2.94 23.54 22.68
CA LYS A 243 1.61 23.97 23.00
C LYS A 243 0.60 23.56 21.89
N TYR A 244 0.99 23.71 20.63
CA TYR A 244 0.18 23.26 19.48
C TYR A 244 -0.08 21.73 19.44
N HIS A 245 1.01 20.95 19.46
CA HIS A 245 1.12 19.48 19.59
C HIS A 245 0.13 18.95 20.62
N THR A 246 0.19 19.53 21.83
CA THR A 246 -0.67 19.23 22.97
C THR A 246 -2.16 19.42 22.65
N LYS A 247 -2.44 20.57 22.07
CA LYS A 247 -3.78 20.99 21.68
C LYS A 247 -4.30 20.10 20.56
N LEU A 248 -3.38 19.57 19.73
CA LEU A 248 -3.78 18.63 18.65
C LEU A 248 -4.30 17.36 19.23
N PHE A 249 -3.60 16.85 20.25
CA PHE A 249 -4.00 15.63 20.95
C PHE A 249 -5.19 15.78 21.83
N VAL A 250 -5.18 16.79 22.67
CA VAL A 250 -6.37 17.17 23.47
C VAL A 250 -7.65 17.32 22.66
N ASP A 251 -7.61 18.17 21.61
CA ASP A 251 -8.76 18.40 20.72
C ASP A 251 -9.17 17.17 19.90
N GLY A 252 -8.22 16.31 19.55
CA GLY A 252 -8.46 15.18 18.68
C GLY A 252 -8.96 13.98 19.45
N GLU A 253 -8.60 13.91 20.72
CA GLU A 253 -9.17 12.92 21.58
C GLU A 253 -10.66 13.17 21.80
N LYS A 254 -11.03 14.42 21.99
CA LYS A 254 -12.42 14.81 22.08
C LYS A 254 -13.25 14.39 20.88
N ASP A 255 -12.73 14.69 19.69
CA ASP A 255 -13.38 14.40 18.40
C ASP A 255 -13.48 12.93 18.06
N LEU A 256 -12.61 12.14 18.68
CA LEU A 256 -12.54 10.75 18.51
C LEU A 256 -13.54 10.07 19.40
N VAL A 257 -13.65 10.47 20.66
CA VAL A 257 -14.80 10.03 21.48
C VAL A 257 -16.10 10.26 20.73
N THR A 258 -16.31 11.49 20.27
CA THR A 258 -17.47 11.82 19.48
C THR A 258 -17.62 10.95 18.22
N PHE A 259 -16.52 10.68 17.52
CA PHE A 259 -16.53 9.85 16.29
C PHE A 259 -16.95 8.45 16.62
N PHE A 260 -16.39 7.91 17.69
CA PHE A 260 -16.73 6.55 18.11
C PHE A 260 -18.17 6.40 18.46
N GLU A 261 -18.71 7.32 19.21
CA GLU A 261 -20.12 7.32 19.49
C GLU A 261 -21.02 7.26 18.25
N LYS A 262 -20.60 7.94 17.20
CA LYS A 262 -21.23 7.83 15.89
C LYS A 262 -21.20 6.42 15.34
N GLN A 263 -20.19 5.66 15.72
CA GLN A 263 -20.00 4.29 15.21
C GLN A 263 -20.77 3.28 16.07
N GLY A 264 -21.43 3.76 17.13
CA GLY A 264 -22.25 2.90 17.95
C GLY A 264 -21.56 2.37 19.19
N VAL A 265 -20.34 2.88 19.43
CA VAL A 265 -19.60 2.72 20.69
C VAL A 265 -20.23 3.59 21.83
N LYS A 266 -20.26 3.00 23.03
CA LYS A 266 -20.76 3.64 24.23
C LYS A 266 -19.60 3.80 25.21
N ILE A 267 -19.50 5.00 25.76
CA ILE A 267 -18.38 5.42 26.60
C ILE A 267 -18.78 5.36 28.09
N THR A 268 -17.87 4.82 28.91
CA THR A 268 -17.98 4.85 30.33
C THR A 268 -16.78 5.57 30.96
N HIS A 269 -17.01 6.01 32.18
CA HIS A 269 -16.09 6.84 32.94
C HIS A 269 -16.06 6.18 34.26
N PRO A 270 -15.48 4.98 34.34
CA PRO A 270 -15.52 4.26 35.60
C PRO A 270 -14.76 5.04 36.68
N ASP A 271 -15.05 4.73 37.92
CA ASP A 271 -14.28 5.28 39.02
C ASP A 271 -12.84 4.65 39.11
N LEU A 272 -11.84 5.51 39.12
CA LEU A 272 -10.45 5.11 38.97
C LEU A 272 -9.69 5.16 40.31
N VAL A 273 -10.42 5.42 41.40
CA VAL A 273 -9.85 5.41 42.71
C VAL A 273 -9.45 3.97 43.04
N PRO A 274 -10.40 2.99 42.90
CA PRO A 274 -9.94 1.60 43.11
C PRO A 274 -9.03 1.03 42.02
N PHE A 275 -8.89 1.74 40.89
CA PHE A 275 -8.01 1.30 39.84
C PHE A 275 -6.56 1.61 40.27
N LYS A 276 -6.36 2.81 40.82
CA LYS A 276 -5.06 3.21 41.27
C LYS A 276 -4.71 2.57 42.60
N GLU A 277 -5.71 2.25 43.40
CA GLU A 277 -5.50 1.49 44.64
C GLU A 277 -4.92 0.09 44.34
N SER A 278 -5.48 -0.58 43.33
CA SER A 278 -5.04 -1.92 42.86
C SER A 278 -3.59 -2.03 42.37
N MET A 279 -2.96 -0.89 42.09
CA MET A 279 -1.58 -0.80 41.58
C MET A 279 -0.46 -0.80 42.65
N LYS A 280 -0.84 -0.62 43.93
CA LYS A 280 0.15 -0.44 45.03
C LYS A 280 1.16 -1.58 45.13
N PRO A 281 0.71 -2.84 44.88
CA PRO A 281 1.60 -4.01 44.68
C PRO A 281 2.65 -3.86 43.56
N TYR A 282 2.28 -3.18 42.47
CA TYR A 282 3.22 -2.92 41.35
C TYR A 282 4.23 -1.81 41.66
N TYR A 283 3.74 -0.79 42.33
CA TYR A 283 4.58 0.29 42.77
C TYR A 283 5.64 -0.23 43.74
N ALA A 284 5.22 -1.06 44.70
CA ALA A 284 6.15 -1.74 45.60
C ALA A 284 7.28 -2.41 44.82
N GLU A 285 6.93 -3.07 43.72
CA GLU A 285 7.89 -3.79 42.90
C GLU A 285 8.78 -2.87 42.04
N PHE A 286 8.28 -1.68 41.76
CA PHE A 286 9.06 -0.66 41.11
C PHE A 286 10.13 -0.16 42.07
N VAL A 287 9.72 0.29 43.24
CA VAL A 287 10.65 0.75 44.24
C VAL A 287 11.64 -0.32 44.68
N LYS A 288 11.23 -1.58 44.67
CA LYS A 288 12.17 -2.65 44.93
C LYS A 288 13.26 -2.68 43.89
N GLN A 289 12.88 -2.83 42.63
CA GLN A 289 13.86 -2.85 41.53
C GLN A 289 14.73 -1.59 41.35
N THR A 290 14.13 -0.41 41.52
CA THR A 290 14.77 0.85 41.17
C THR A 290 15.25 1.63 42.41
N GLY A 291 15.07 1.01 43.57
CA GLY A 291 15.66 1.47 44.80
C GLY A 291 15.31 2.87 45.24
N GLN A 292 16.27 3.49 45.91
CA GLN A 292 16.05 4.78 46.54
C GLN A 292 15.60 5.85 45.54
N LYS A 293 16.22 5.85 44.35
CA LYS A 293 15.89 6.80 43.30
C LYS A 293 14.42 6.61 42.85
N GLY A 294 14.05 5.34 42.62
CA GLY A 294 12.66 4.97 42.41
C GLY A 294 11.67 5.50 43.45
N GLU A 295 12.00 5.36 44.72
CA GLU A 295 11.03 5.62 45.82
C GLU A 295 10.68 7.12 45.95
N SER A 296 11.71 7.94 45.76
CA SER A 296 11.58 9.39 45.88
C SER A 296 10.89 9.99 44.65
N ALA A 297 11.25 9.49 43.46
CA ALA A 297 10.51 9.84 42.21
C ALA A 297 9.01 9.61 42.45
N LEU A 298 8.66 8.40 42.90
CA LEU A 298 7.24 8.01 43.14
C LEU A 298 6.56 8.95 44.15
N LYS A 299 7.20 9.11 45.30
CA LYS A 299 6.75 9.98 46.39
C LYS A 299 6.69 11.47 46.02
N GLN A 300 7.64 11.94 45.19
CA GLN A 300 7.67 13.36 44.78
C GLN A 300 6.60 13.63 43.74
N ILE A 301 6.40 12.66 42.83
CA ILE A 301 5.35 12.76 41.81
C ILE A 301 3.95 12.58 42.40
N GLU A 302 3.84 11.61 43.32
CA GLU A 302 2.59 11.41 44.10
C GLU A 302 2.21 12.65 44.93
N ALA A 303 3.22 13.43 45.30
CA ALA A 303 3.02 14.65 46.09
C ALA A 303 2.48 15.84 45.31
N ILE A 304 1.96 15.64 44.10
CA ILE A 304 1.78 16.75 43.17
C ILE A 304 0.48 17.57 43.41
N ASN A 305 -0.69 17.18 42.85
CA ASN A 305 -1.79 18.17 42.82
C ASN A 305 -2.79 18.04 43.96
N ASP B 2 20.67 -12.83 34.94
CA ASP B 2 20.85 -13.85 33.87
C ASP B 2 20.10 -13.48 32.58
N TYR B 3 20.33 -14.30 31.57
CA TYR B 3 19.82 -14.06 30.25
C TYR B 3 19.15 -15.33 29.84
N ASP B 4 17.84 -15.23 29.72
CA ASP B 4 17.05 -16.34 29.31
C ASP B 4 16.69 -16.21 27.85
N LEU B 5 17.48 -16.91 27.05
CA LEU B 5 17.46 -16.83 25.60
C LEU B 5 16.90 -18.09 25.01
N LYS B 6 16.47 -17.98 23.77
CA LYS B 6 15.65 -18.99 23.11
C LYS B 6 16.18 -19.24 21.69
N PHE B 7 16.16 -20.52 21.29
CA PHE B 7 16.66 -20.97 20.02
C PHE B 7 15.60 -21.80 19.30
N GLY B 8 15.08 -21.28 18.19
CA GLY B 8 14.12 -21.95 17.32
C GLY B 8 14.74 -22.57 16.07
N MET B 9 14.25 -23.77 15.77
CA MET B 9 14.60 -24.50 14.59
C MET B 9 13.43 -25.33 14.11
N ASN B 10 13.32 -25.51 12.80
CA ASN B 10 12.43 -26.53 12.20
C ASN B 10 12.81 -28.00 12.48
N ALA B 11 14.10 -28.27 12.66
CA ALA B 11 14.57 -29.61 12.90
C ALA B 11 14.01 -30.18 14.21
N GLY B 12 13.94 -31.52 14.27
CA GLY B 12 13.56 -32.25 15.47
C GLY B 12 14.72 -32.47 16.42
N THR B 13 14.45 -33.20 17.47
CA THR B 13 15.36 -33.44 18.56
C THR B 13 16.38 -34.55 18.22
N SER B 14 16.03 -35.41 17.29
CA SER B 14 16.95 -36.41 16.76
C SER B 14 17.98 -35.87 15.75
N SER B 15 17.87 -34.59 15.38
CA SER B 15 18.66 -34.04 14.27
C SER B 15 20.06 -33.57 14.69
N ASN B 16 21.00 -33.55 13.76
CA ASN B 16 22.31 -32.96 13.98
C ASN B 16 22.25 -31.47 14.40
N GLU B 17 21.25 -30.74 13.92
CA GLU B 17 21.07 -29.32 14.15
C GLU B 17 20.77 -29.14 15.58
N TYR B 18 19.92 -30.03 16.10
CA TYR B 18 19.55 -30.05 17.50
C TYR B 18 20.73 -30.37 18.40
N LYS B 19 21.46 -31.41 18.03
CA LYS B 19 22.60 -31.81 18.82
C LYS B 19 23.64 -30.71 18.90
N ALA B 20 23.81 -29.97 17.78
CA ALA B 20 24.76 -28.84 17.63
C ALA B 20 24.33 -27.67 18.49
N ALA B 21 23.01 -27.42 18.51
CA ALA B 21 22.41 -26.38 19.34
C ALA B 21 22.48 -26.70 20.86
N GLU B 22 22.40 -27.97 21.24
CA GLU B 22 22.65 -28.39 22.61
C GLU B 22 24.12 -28.17 23.03
N MET B 23 25.01 -28.33 22.09
CA MET B 23 26.42 -28.10 22.32
C MET B 23 26.64 -26.61 22.52
N PHE B 24 26.08 -25.81 21.62
CA PHE B 24 26.08 -24.36 21.72
C PHE B 24 25.50 -23.88 23.06
N ALA B 25 24.33 -24.43 23.42
CA ALA B 25 23.64 -23.97 24.64
C ALA B 25 24.46 -24.20 25.92
N LYS B 26 25.21 -25.29 25.92
CA LYS B 26 25.97 -25.75 27.08
C LYS B 26 27.32 -25.00 27.14
N GLU B 27 27.92 -24.77 25.97
CA GLU B 27 29.16 -23.97 25.87
C GLU B 27 28.91 -22.52 26.34
N VAL B 28 27.75 -21.96 26.03
CA VAL B 28 27.42 -20.57 26.41
C VAL B 28 27.13 -20.42 27.94
N LYS B 29 26.37 -21.36 28.48
CA LYS B 29 26.02 -21.38 29.90
C LYS B 29 27.25 -21.59 30.78
N GLU B 30 28.08 -22.57 30.44
CA GLU B 30 29.31 -22.83 31.17
C GLU B 30 30.30 -21.63 31.14
N LYS B 31 30.60 -21.13 29.93
CA LYS B 31 31.60 -20.08 29.71
C LYS B 31 31.11 -18.65 30.02
N SER B 32 29.80 -18.48 30.15
CA SER B 32 29.26 -17.23 30.67
C SER B 32 29.13 -17.39 32.17
N GLN B 33 29.61 -18.52 32.69
CA GLN B 33 29.61 -18.75 34.12
C GLN B 33 28.18 -18.70 34.62
N GLY B 34 27.30 -19.45 33.95
CA GLY B 34 25.88 -19.51 34.29
C GLY B 34 25.04 -18.28 34.00
N LYS B 35 25.69 -17.22 33.48
CA LYS B 35 25.02 -15.91 33.26
C LYS B 35 23.95 -16.03 32.22
N ILE B 36 24.23 -16.85 31.20
CA ILE B 36 23.29 -17.09 30.11
C ILE B 36 22.81 -18.55 30.10
N GLU B 37 21.54 -18.69 29.78
CA GLU B 37 20.89 -19.95 29.55
C GLU B 37 20.28 -19.86 28.16
N ILE B 38 20.39 -20.92 27.35
CA ILE B 38 19.66 -20.97 26.09
C ILE B 38 18.78 -22.21 26.07
N SER B 39 17.51 -22.00 25.76
CA SER B 39 16.51 -23.06 25.67
C SER B 39 16.15 -23.35 24.23
N LEU B 40 15.84 -24.63 23.95
CA LEU B 40 15.60 -25.04 22.56
C LEU B 40 14.10 -25.22 22.29
N TYR B 41 13.69 -24.69 21.13
CA TYR B 41 12.36 -24.87 20.56
C TYR B 41 12.46 -25.46 19.15
N PRO B 42 12.58 -26.81 19.08
CA PRO B 42 12.69 -27.47 17.76
C PRO B 42 11.32 -27.68 17.11
N SER B 43 11.26 -28.44 16.01
CA SER B 43 10.00 -28.91 15.40
C SER B 43 8.97 -27.82 15.15
N SER B 44 9.46 -26.67 14.69
CA SER B 44 8.69 -25.47 14.37
C SER B 44 7.73 -25.00 15.45
N GLN B 45 8.11 -25.17 16.72
CA GLN B 45 7.18 -24.92 17.85
C GLN B 45 6.69 -23.47 17.84
N LEU B 46 7.64 -22.59 17.59
CA LEU B 46 7.46 -21.16 17.58
C LEU B 46 6.92 -20.52 16.26
N GLY B 47 6.97 -21.30 15.17
CA GLY B 47 6.49 -20.89 13.82
C GLY B 47 7.37 -21.49 12.75
N ASP B 48 7.14 -21.13 11.49
CA ASP B 48 8.03 -21.53 10.38
C ASP B 48 9.29 -20.70 10.33
N ASP B 49 10.17 -21.03 9.40
CA ASP B 49 11.40 -20.29 9.25
C ASP B 49 11.22 -18.75 9.12
N ARG B 50 10.25 -18.36 8.31
CA ARG B 50 9.93 -16.97 8.06
C ARG B 50 9.46 -16.26 9.30
N ALA B 51 8.65 -16.93 10.10
CA ALA B 51 8.18 -16.41 11.39
C ALA B 51 9.32 -16.24 12.40
N MET B 52 10.16 -17.27 12.51
CA MET B 52 11.28 -17.27 13.48
C MET B 52 12.35 -16.24 13.16
N LEU B 53 12.61 -16.00 11.88
CA LEU B 53 13.49 -14.91 11.47
C LEU B 53 12.89 -13.55 11.77
N LYS B 54 11.56 -13.43 11.75
CA LYS B 54 10.93 -12.16 12.17
C LYS B 54 11.11 -11.88 13.66
N GLN B 55 10.95 -12.95 14.45
CA GLN B 55 11.09 -12.89 15.88
C GLN B 55 12.52 -12.49 16.26
N LEU B 56 13.50 -12.93 15.49
CA LEU B 56 14.86 -12.42 15.66
C LEU B 56 14.85 -10.93 15.34
N LYS B 57 14.31 -10.55 14.19
CA LYS B 57 14.26 -9.15 13.76
C LYS B 57 13.63 -8.24 14.83
N ASP B 58 12.42 -8.61 15.26
CA ASP B 58 11.62 -7.94 16.28
C ASP B 58 12.17 -8.16 17.72
N GLY B 59 13.12 -9.07 17.89
CA GLY B 59 13.76 -9.33 19.18
C GLY B 59 13.09 -10.37 20.06
N SER B 60 12.00 -11.00 19.59
CA SER B 60 11.26 -11.98 20.42
C SER B 60 11.84 -13.38 20.44
N LEU B 61 12.72 -13.69 19.47
CA LEU B 61 13.49 -14.93 19.47
C LEU B 61 14.95 -14.52 19.31
N ASP B 62 15.87 -15.25 19.94
CA ASP B 62 17.28 -14.84 20.05
C ASP B 62 18.09 -15.49 19.00
N PHE B 63 17.99 -16.81 18.95
CA PHE B 63 18.73 -17.61 18.00
C PHE B 63 17.78 -18.38 17.09
N THR B 64 18.19 -18.51 15.85
CA THR B 64 17.56 -19.42 14.94
C THR B 64 18.63 -19.94 13.95
N PHE B 65 18.31 -21.05 13.29
CA PHE B 65 19.07 -21.56 12.14
C PHE B 65 18.52 -21.11 10.80
N ALA B 66 19.42 -20.82 9.86
CA ALA B 66 18.98 -20.45 8.52
C ALA B 66 19.94 -20.98 7.50
N GLU B 67 19.46 -21.05 6.25
CA GLU B 67 20.29 -21.23 5.06
C GLU B 67 20.55 -19.92 4.34
N SER B 68 21.72 -19.86 3.72
CA SER B 68 22.07 -18.71 2.91
C SER B 68 21.05 -18.44 1.78
N ALA B 69 20.56 -19.52 1.18
CA ALA B 69 19.64 -19.52 0.06
C ALA B 69 18.24 -18.99 0.40
N ARG B 70 17.79 -19.18 1.64
CA ARG B 70 16.45 -18.77 2.04
C ARG B 70 16.28 -17.22 2.06
N PHE B 71 17.38 -16.49 1.96
CA PHE B 71 17.34 -15.04 1.84
C PHE B 71 16.98 -14.52 0.42
N GLN B 72 16.76 -15.43 -0.55
CA GLN B 72 16.08 -15.12 -1.83
C GLN B 72 14.65 -14.52 -1.65
N LEU B 73 14.05 -14.80 -0.51
CA LEU B 73 12.80 -14.12 -0.18
C LEU B 73 12.95 -12.59 -0.04
N PHE B 74 14.16 -12.12 0.30
CA PHE B 74 14.42 -10.67 0.40
C PHE B 74 15.22 -10.16 -0.76
N TYR B 75 16.08 -11.04 -1.29
CA TYR B 75 17.11 -10.71 -2.29
C TYR B 75 17.14 -11.82 -3.29
N PRO B 76 16.38 -11.64 -4.38
CA PRO B 76 16.21 -12.74 -5.34
C PRO B 76 17.50 -13.39 -5.88
N GLU B 77 18.59 -12.66 -5.93
CA GLU B 77 19.86 -13.21 -6.36
C GLU B 77 20.41 -14.30 -5.44
N ALA B 78 20.07 -14.25 -4.13
CA ALA B 78 20.54 -15.25 -3.15
C ALA B 78 20.02 -16.67 -3.39
N ALA B 79 19.04 -16.82 -4.29
CA ALA B 79 18.67 -18.14 -4.77
C ALA B 79 19.89 -18.86 -5.36
N VAL B 80 20.87 -18.09 -5.79
CA VAL B 80 22.14 -18.61 -6.32
C VAL B 80 22.76 -19.76 -5.54
N PHE B 81 22.64 -19.73 -4.22
CA PHE B 81 23.20 -20.75 -3.29
C PHE B 81 22.58 -22.12 -3.47
N ALA B 82 21.27 -22.09 -3.73
CA ALA B 82 20.47 -23.27 -3.86
C ALA B 82 20.21 -23.62 -5.30
N LEU B 83 20.80 -22.91 -6.28
CA LEU B 83 20.55 -23.33 -7.67
C LEU B 83 21.14 -24.75 -7.83
N PRO B 84 20.33 -25.73 -8.24
CA PRO B 84 20.94 -27.06 -8.31
C PRO B 84 22.31 -27.20 -9.03
N TYR B 85 23.16 -28.01 -8.39
CA TYR B 85 24.52 -28.34 -8.88
C TYR B 85 25.57 -27.22 -8.90
N VAL B 86 25.16 -25.97 -8.70
CA VAL B 86 26.09 -24.81 -8.79
C VAL B 86 27.17 -24.78 -7.68
N ILE B 87 26.75 -24.92 -6.43
CA ILE B 87 27.73 -25.14 -5.32
C ILE B 87 27.98 -26.63 -5.17
N SER B 88 29.23 -27.00 -5.51
CA SER B 88 29.64 -28.41 -5.67
C SER B 88 30.22 -29.08 -4.40
N ASN B 89 30.77 -28.28 -3.48
CA ASN B 89 31.11 -28.82 -2.19
C ASN B 89 31.01 -27.74 -1.13
N TYR B 90 31.23 -28.13 0.11
CA TYR B 90 31.21 -27.20 1.24
C TYR B 90 32.32 -26.11 1.16
N ASN B 91 33.51 -26.49 0.71
CA ASN B 91 34.56 -25.52 0.51
C ASN B 91 33.99 -24.26 -0.17
N VAL B 92 33.12 -24.47 -1.18
CA VAL B 92 32.56 -23.43 -2.04
C VAL B 92 31.39 -22.69 -1.40
N ALA B 93 30.57 -23.38 -0.63
CA ALA B 93 29.51 -22.77 0.16
C ALA B 93 30.06 -21.71 1.11
N GLN B 94 31.23 -22.02 1.72
CA GLN B 94 31.98 -21.12 2.63
C GLN B 94 32.52 -19.86 1.94
N LYS B 95 33.21 -20.11 0.82
CA LYS B 95 33.88 -19.09 0.05
C LYS B 95 32.86 -18.20 -0.66
N ALA B 96 31.75 -18.81 -1.11
CA ALA B 96 30.61 -18.08 -1.65
C ALA B 96 30.07 -17.03 -0.66
N LEU B 97 29.82 -17.45 0.58
CA LEU B 97 29.28 -16.57 1.63
C LEU B 97 30.28 -15.50 2.09
N PHE B 98 31.45 -15.91 2.55
CA PHE B 98 32.43 -14.98 3.17
C PHE B 98 33.46 -14.44 2.25
N ASP B 99 33.68 -15.13 1.15
CA ASP B 99 34.80 -14.82 0.28
C ASP B 99 34.38 -14.15 -1.02
N THR B 100 33.09 -13.91 -1.22
CA THR B 100 32.65 -13.15 -2.38
C THR B 100 32.25 -11.74 -1.97
N GLU B 101 32.31 -10.84 -2.92
CA GLU B 101 31.68 -9.53 -2.79
C GLU B 101 30.15 -9.58 -2.57
N PHE B 102 29.49 -10.52 -3.24
CA PHE B 102 28.06 -10.72 -3.15
C PHE B 102 27.68 -11.26 -1.77
N GLY B 103 28.50 -12.16 -1.27
CA GLY B 103 28.24 -12.78 -0.01
C GLY B 103 28.61 -11.87 1.16
N LYS B 104 29.75 -11.18 1.02
CA LYS B 104 30.13 -10.19 2.01
C LYS B 104 29.02 -9.17 2.10
N ASP B 105 28.39 -8.86 0.97
CA ASP B 105 27.32 -7.89 0.94
C ASP B 105 26.01 -8.31 1.63
N LEU B 106 25.63 -9.55 1.36
CA LEU B 106 24.49 -10.23 1.94
C LEU B 106 24.57 -10.22 3.45
N ILE B 107 25.72 -10.56 4.01
CA ILE B 107 25.95 -10.49 5.45
C ILE B 107 25.67 -9.09 6.04
N LYS B 108 26.10 -8.03 5.36
CA LYS B 108 25.86 -6.66 5.80
C LYS B 108 24.35 -6.33 5.86
N LYS B 109 23.63 -6.64 4.78
CA LYS B 109 22.18 -6.52 4.69
C LYS B 109 21.36 -7.33 5.70
N MET B 110 21.80 -8.53 6.03
CA MET B 110 21.17 -9.36 7.03
C MET B 110 21.22 -8.66 8.38
N ASP B 111 22.37 -8.04 8.66
CA ASP B 111 22.53 -7.11 9.77
C ASP B 111 21.61 -5.86 9.68
N LYS B 112 21.86 -5.00 8.69
CA LYS B 112 21.20 -3.70 8.54
C LYS B 112 19.75 -3.65 8.04
N ASP B 113 19.37 -4.55 7.14
CA ASP B 113 18.00 -4.52 6.65
C ASP B 113 17.19 -5.39 7.56
N LEU B 114 17.79 -6.52 7.97
CA LEU B 114 17.07 -7.61 8.57
C LEU B 114 17.31 -7.82 10.06
N GLY B 115 18.16 -7.02 10.68
CA GLY B 115 18.26 -7.00 12.14
C GLY B 115 18.77 -8.26 12.79
N VAL B 116 19.62 -8.99 12.05
CA VAL B 116 20.11 -10.32 12.39
C VAL B 116 21.66 -10.35 12.21
N THR B 117 22.37 -11.04 13.10
CA THR B 117 23.85 -11.13 13.03
C THR B 117 24.27 -12.57 12.80
N LEU B 118 25.15 -12.78 11.84
CA LEU B 118 25.56 -14.13 11.48
C LEU B 118 26.77 -14.48 12.29
N LEU B 119 26.64 -15.47 13.17
CA LEU B 119 27.75 -15.84 14.01
C LEU B 119 28.67 -16.93 13.40
N SER B 120 28.07 -17.94 12.78
CA SER B 120 28.80 -19.02 12.12
C SER B 120 28.00 -19.72 10.98
N GLN B 121 28.74 -20.43 10.14
CA GLN B 121 28.14 -21.24 9.08
C GLN B 121 28.59 -22.71 9.28
N ALA B 122 27.63 -23.64 9.20
CA ALA B 122 27.95 -25.07 9.23
C ALA B 122 27.48 -25.76 7.95
N TYR B 123 27.93 -26.99 7.74
CA TYR B 123 27.49 -27.82 6.63
C TYR B 123 26.31 -28.57 7.16
N ASN B 124 25.27 -28.62 6.35
CA ASN B 124 24.05 -29.21 6.73
C ASN B 124 23.61 -30.26 5.74
N GLY B 125 24.55 -30.82 5.01
CA GLY B 125 24.26 -31.97 4.19
C GLY B 125 23.98 -31.53 2.78
N THR B 126 24.16 -32.49 1.88
CA THR B 126 23.78 -32.39 0.50
C THR B 126 22.57 -33.29 0.23
N ARG B 127 21.61 -32.76 -0.52
CA ARG B 127 20.31 -33.43 -0.66
C ARG B 127 20.35 -34.50 -1.75
N GLN B 128 19.66 -35.60 -1.41
CA GLN B 128 19.42 -36.75 -2.26
C GLN B 128 17.91 -36.89 -2.40
N THR B 129 17.48 -37.89 -3.20
CA THR B 129 16.10 -38.11 -3.58
C THR B 129 15.71 -39.57 -3.24
N THR B 130 14.87 -39.69 -2.21
CA THR B 130 14.24 -40.92 -1.85
C THR B 130 12.90 -41.02 -2.58
N SER B 131 12.49 -42.28 -2.84
CA SER B 131 11.20 -42.61 -3.51
C SER B 131 10.58 -43.96 -3.06
N ASN B 132 9.37 -44.24 -3.57
CA ASN B 132 8.79 -45.62 -3.56
C ASN B 132 9.06 -46.53 -4.81
N ARG B 133 9.61 -45.93 -5.87
CA ARG B 133 10.14 -46.66 -7.03
C ARG B 133 11.60 -46.25 -7.26
N ALA B 134 12.37 -47.16 -7.89
CA ALA B 134 13.80 -46.95 -8.11
C ALA B 134 13.99 -45.88 -9.18
N ILE B 135 14.90 -44.98 -8.88
CA ILE B 135 15.29 -43.93 -9.80
C ILE B 135 16.65 -44.28 -10.34
N ASN B 136 16.62 -44.83 -11.54
CA ASN B 136 17.79 -45.31 -12.22
C ASN B 136 18.19 -44.37 -13.32
N SER B 137 17.34 -43.37 -13.61
CA SER B 137 17.77 -42.27 -14.48
C SER B 137 16.81 -41.11 -14.39
N ILE B 138 17.15 -40.01 -15.04
CA ILE B 138 16.28 -38.81 -15.04
C ILE B 138 14.90 -39.13 -15.70
N ALA B 139 14.87 -40.19 -16.52
CA ALA B 139 13.65 -40.68 -17.17
C ALA B 139 12.64 -41.05 -16.12
N ASP B 140 13.14 -41.50 -14.98
CA ASP B 140 12.33 -41.95 -13.85
C ASP B 140 11.87 -40.80 -12.99
N MET B 141 12.54 -39.67 -13.01
CA MET B 141 12.01 -38.52 -12.28
C MET B 141 10.66 -38.05 -12.79
N LYS B 142 10.37 -38.40 -14.04
CA LYS B 142 9.08 -38.13 -14.68
C LYS B 142 7.86 -38.70 -13.97
N GLY B 143 6.95 -37.80 -13.64
CA GLY B 143 5.70 -38.15 -13.01
C GLY B 143 5.92 -38.49 -11.56
N LEU B 144 7.12 -38.24 -11.07
CA LEU B 144 7.38 -38.49 -9.67
C LEU B 144 6.78 -37.32 -8.94
N LYS B 145 5.91 -37.64 -7.99
CA LYS B 145 5.36 -36.62 -7.14
C LYS B 145 6.33 -36.53 -6.00
N LEU B 146 7.17 -35.53 -6.13
CA LEU B 146 8.28 -35.32 -5.25
C LEU B 146 7.90 -34.16 -4.37
N ARG B 147 7.78 -34.41 -3.07
CA ARG B 147 7.53 -33.34 -2.18
C ARG B 147 8.82 -32.57 -2.00
N VAL B 148 8.58 -31.27 -2.00
CA VAL B 148 9.59 -30.25 -1.80
C VAL B 148 9.08 -29.30 -0.70
N PRO B 149 10.00 -28.66 0.07
CA PRO B 149 9.67 -27.54 0.95
C PRO B 149 9.16 -26.34 0.19
N ASN B 150 8.60 -25.39 0.92
CA ASN B 150 8.07 -24.14 0.34
C ASN B 150 9.22 -23.19 0.00
N ALA B 151 9.96 -23.57 -1.03
CA ALA B 151 11.20 -22.94 -1.39
C ALA B 151 11.25 -23.05 -2.92
N ALA B 152 11.36 -21.90 -3.57
CA ALA B 152 11.18 -21.78 -5.01
C ALA B 152 12.31 -22.48 -5.77
N THR B 153 13.37 -22.67 -5.07
CA THR B 153 14.59 -23.25 -5.64
C THR B 153 14.57 -24.77 -5.54
N ASN B 154 13.77 -25.41 -4.69
CA ASN B 154 13.51 -26.86 -4.63
C ASN B 154 12.37 -27.26 -5.56
N LEU B 155 11.38 -26.37 -5.64
CA LEU B 155 10.35 -26.44 -6.66
C LEU B 155 10.98 -26.48 -8.04
N ALA B 156 11.97 -25.65 -8.29
CA ALA B 156 12.67 -25.63 -9.58
C ALA B 156 13.48 -26.89 -9.92
N TYR B 157 14.10 -27.48 -8.93
CA TYR B 157 14.78 -28.77 -9.16
C TYR B 157 13.76 -29.81 -9.63
N ALA B 158 12.68 -29.90 -8.86
CA ALA B 158 11.58 -30.78 -9.14
C ALA B 158 11.02 -30.55 -10.53
N LYS B 159 10.67 -29.31 -10.90
CA LYS B 159 10.08 -29.05 -12.25
C LYS B 159 11.04 -29.29 -13.47
N TYR B 160 12.32 -28.92 -13.35
CA TYR B 160 13.31 -29.06 -14.44
C TYR B 160 13.82 -30.50 -14.63
N VAL B 161 13.85 -31.26 -13.55
CA VAL B 161 14.16 -32.67 -13.65
C VAL B 161 12.96 -33.46 -14.24
N GLY B 162 11.77 -32.82 -14.32
CA GLY B 162 10.55 -33.39 -14.92
C GLY B 162 9.60 -34.05 -13.94
N ALA B 163 9.86 -33.87 -12.66
CA ALA B 163 8.95 -34.30 -11.58
C ALA B 163 7.75 -33.35 -11.34
N SER B 164 6.84 -33.80 -10.47
CA SER B 164 5.62 -33.07 -10.13
C SER B 164 5.73 -32.59 -8.68
N PRO B 165 6.22 -31.35 -8.52
CA PRO B 165 6.52 -30.89 -7.17
C PRO B 165 5.23 -30.79 -6.38
N THR B 166 5.26 -31.28 -5.15
CA THR B 166 4.16 -31.01 -4.25
C THR B 166 4.80 -30.38 -3.03
N PRO B 167 4.61 -29.05 -2.86
CA PRO B 167 5.08 -28.38 -1.66
C PRO B 167 4.25 -28.75 -0.43
N MET B 168 4.95 -28.89 0.68
CA MET B 168 4.32 -29.06 1.97
C MET B 168 5.41 -28.78 3.00
N ALA B 169 5.04 -28.73 4.28
CA ALA B 169 5.99 -28.48 5.36
C ALA B 169 6.62 -29.78 5.89
N PHE B 170 7.75 -29.62 6.55
CA PHE B 170 8.63 -30.72 6.88
C PHE B 170 7.89 -31.84 7.62
N SER B 171 7.05 -31.43 8.58
CA SER B 171 6.31 -32.31 9.49
C SER B 171 5.23 -33.18 8.83
N GLU B 172 4.80 -32.76 7.63
CA GLU B 172 3.71 -33.42 6.91
C GLU B 172 4.24 -34.53 6.01
N VAL B 173 5.56 -34.64 5.96
CA VAL B 173 6.25 -35.46 4.97
C VAL B 173 6.17 -36.96 5.28
N TYR B 174 6.35 -37.38 6.52
CA TYR B 174 6.29 -38.81 6.84
C TYR B 174 4.89 -39.37 6.56
N LEU B 175 3.89 -38.63 6.97
CA LEU B 175 2.52 -39.06 6.70
C LEU B 175 2.25 -39.19 5.18
N ALA B 176 2.67 -38.19 4.42
CA ALA B 176 2.39 -38.17 2.98
C ALA B 176 3.17 -39.26 2.21
N LEU B 177 4.36 -39.62 2.65
CA LEU B 177 5.11 -40.76 2.13
C LEU B 177 4.50 -42.13 2.48
N GLN B 178 4.23 -42.36 3.76
CA GLN B 178 3.58 -43.60 4.23
C GLN B 178 2.28 -43.96 3.49
N THR B 179 1.54 -42.94 3.04
CA THR B 179 0.24 -43.09 2.37
C THR B 179 0.29 -42.97 0.83
N ASN B 180 1.47 -42.71 0.27
CA ASN B 180 1.68 -42.73 -1.19
C ASN B 180 0.98 -41.56 -1.86
N ALA B 181 0.79 -40.51 -1.07
CA ALA B 181 0.17 -39.28 -1.50
C ALA B 181 1.26 -38.43 -2.12
N VAL B 182 2.49 -38.63 -1.64
CA VAL B 182 3.68 -38.29 -2.40
C VAL B 182 4.45 -39.56 -2.66
N ASP B 183 5.22 -39.54 -3.74
CA ASP B 183 6.11 -40.67 -4.11
C ASP B 183 7.53 -40.49 -3.64
N GLY B 184 7.92 -39.26 -3.32
CA GLY B 184 9.25 -39.03 -2.81
C GLY B 184 9.48 -37.76 -2.04
N GLN B 185 10.72 -37.62 -1.60
CA GLN B 185 11.21 -36.39 -1.01
C GLN B 185 12.73 -36.25 -1.25
N GLU B 186 13.27 -35.11 -0.85
CA GLU B 186 14.66 -34.75 -1.06
C GLU B 186 15.13 -33.93 0.16
N ASN B 187 16.33 -34.24 0.62
CA ASN B 187 16.83 -33.88 1.95
C ASN B 187 18.12 -34.66 2.12
N PRO B 188 19.08 -34.11 2.89
CA PRO B 188 20.31 -34.86 3.10
C PRO B 188 20.11 -36.24 3.78
N LEU B 189 21.13 -37.09 3.69
CA LEU B 189 21.07 -38.39 4.37
C LEU B 189 20.65 -38.27 5.86
N ALA B 190 21.29 -37.36 6.60
CA ALA B 190 21.00 -37.10 8.01
C ALA B 190 19.50 -36.84 8.28
N ALA B 191 18.89 -36.04 7.41
CA ALA B 191 17.48 -35.70 7.53
C ALA B 191 16.58 -36.91 7.31
N VAL B 192 17.00 -37.79 6.42
CA VAL B 192 16.27 -39.02 6.08
C VAL B 192 16.24 -39.98 7.26
N GLN B 193 17.33 -39.99 8.02
CA GLN B 193 17.48 -40.75 9.22
C GLN B 193 16.73 -40.14 10.38
N ALA B 194 16.95 -38.86 10.57
CA ALA B 194 16.39 -38.11 11.68
C ALA B 194 14.89 -38.11 11.61
N GLN B 195 14.34 -38.11 10.39
CA GLN B 195 12.89 -38.12 10.21
C GLN B 195 12.34 -39.52 10.04
N LYS B 196 13.26 -40.48 10.10
CA LYS B 196 13.00 -41.90 9.86
C LYS B 196 12.28 -42.20 8.54
N PHE B 197 12.64 -41.45 7.48
CA PHE B 197 11.94 -41.52 6.20
C PHE B 197 12.15 -42.87 5.49
N TYR B 198 13.15 -43.61 5.98
CA TYR B 198 13.56 -44.91 5.47
C TYR B 198 12.57 -46.02 5.84
N GLU B 199 11.94 -45.88 7.01
CA GLU B 199 10.72 -46.64 7.41
C GLU B 199 9.65 -46.62 6.30
N VAL B 200 9.46 -45.48 5.64
CA VAL B 200 8.41 -45.32 4.62
C VAL B 200 8.87 -45.02 3.19
N GLN B 201 10.19 -45.15 2.93
CA GLN B 201 10.82 -45.08 1.58
C GLN B 201 11.77 -46.26 1.42
N LYS B 202 11.64 -47.02 0.34
CA LYS B 202 12.60 -48.13 0.09
C LYS B 202 13.64 -47.88 -1.01
N PHE B 203 13.62 -46.63 -1.54
CA PHE B 203 14.64 -46.17 -2.53
C PHE B 203 15.31 -44.85 -2.16
N LEU B 204 16.59 -44.72 -2.53
CA LEU B 204 17.38 -43.50 -2.33
C LEU B 204 18.33 -43.41 -3.44
N ALA B 205 18.38 -42.24 -4.11
CA ALA B 205 19.22 -41.98 -5.29
C ALA B 205 20.18 -40.89 -5.01
N MET B 206 21.43 -41.16 -5.38
CA MET B 206 22.55 -40.27 -5.08
C MET B 206 22.56 -39.21 -6.15
N THR B 207 21.81 -38.19 -5.84
CA THR B 207 21.30 -37.21 -6.79
C THR B 207 22.10 -35.89 -6.63
N ASN B 208 22.63 -35.64 -5.43
CA ASN B 208 23.63 -34.60 -5.10
C ASN B 208 23.26 -33.17 -5.50
N HIS B 209 21.94 -32.90 -5.55
CA HIS B 209 21.37 -31.78 -6.35
C HIS B 209 21.50 -30.45 -5.70
N ILE B 210 21.43 -30.45 -4.35
CA ILE B 210 21.52 -29.23 -3.56
C ILE B 210 22.31 -29.39 -2.25
N LEU B 211 23.35 -28.58 -2.05
CA LEU B 211 24.08 -28.57 -0.81
C LEU B 211 23.47 -27.54 0.10
N ASN B 212 23.16 -27.94 1.33
CA ASN B 212 22.68 -27.04 2.36
C ASN B 212 23.82 -26.71 3.32
N ASP B 213 23.93 -25.43 3.61
CA ASP B 213 24.72 -24.91 4.66
C ASP B 213 23.74 -24.54 5.79
N GLN B 214 24.28 -24.17 6.94
CA GLN B 214 23.47 -23.70 8.07
C GLN B 214 24.10 -22.52 8.76
N LEU B 215 23.25 -21.59 9.20
CA LEU B 215 23.70 -20.28 9.72
C LEU B 215 23.19 -19.99 11.16
N TYR B 216 24.11 -19.93 12.10
CA TYR B 216 23.82 -19.51 13.47
C TYR B 216 23.58 -17.99 13.46
N LEU B 217 22.31 -17.58 13.52
CA LEU B 217 21.91 -16.16 13.58
C LEU B 217 21.45 -15.80 14.98
N VAL B 218 21.74 -14.57 15.37
CA VAL B 218 21.29 -14.03 16.62
C VAL B 218 20.59 -12.67 16.41
N SER B 219 19.49 -12.48 17.09
CA SER B 219 18.80 -11.20 17.05
C SER B 219 19.85 -10.12 17.43
N ASN B 220 19.92 -9.10 16.57
CA ASN B 220 20.70 -7.90 16.84
C ASN B 220 20.26 -7.25 18.14
N GLU B 221 18.97 -7.35 18.46
CA GLU B 221 18.45 -6.83 19.72
C GLU B 221 19.08 -7.49 20.95
N THR B 222 19.25 -8.82 20.89
CA THR B 222 19.90 -9.60 21.94
C THR B 222 21.40 -9.28 21.94
N TYR B 223 22.04 -9.55 20.80
CA TYR B 223 23.51 -9.50 20.69
C TYR B 223 24.14 -8.15 21.01
N LYS B 224 23.55 -7.07 20.48
CA LYS B 224 24.11 -5.73 20.61
C LYS B 224 23.76 -5.02 21.96
N GLU B 225 22.90 -5.66 22.75
CA GLU B 225 22.59 -5.25 24.12
C GLU B 225 23.37 -6.12 25.11
N LEU B 226 24.16 -7.07 24.61
CA LEU B 226 25.02 -7.91 25.48
C LEU B 226 26.39 -7.26 25.65
N PRO B 227 26.93 -7.28 26.90
CA PRO B 227 28.28 -6.77 27.06
C PRO B 227 29.25 -7.48 26.11
N GLU B 228 30.32 -6.81 25.69
CA GLU B 228 31.33 -7.48 24.84
C GLU B 228 31.95 -8.81 25.36
N ASP B 229 31.97 -9.01 26.68
CA ASP B 229 32.53 -10.24 27.23
C ASP B 229 31.58 -11.39 26.94
N LEU B 230 30.30 -11.05 26.91
CA LEU B 230 29.23 -12.02 26.76
C LEU B 230 28.91 -12.27 25.27
N GLN B 231 28.99 -11.20 24.47
CA GLN B 231 28.97 -11.30 23.02
C GLN B 231 29.97 -12.32 22.45
N LYS B 232 31.21 -12.19 22.87
CA LYS B 232 32.30 -13.10 22.51
C LYS B 232 32.07 -14.56 22.88
N VAL B 233 31.47 -14.82 24.03
CA VAL B 233 31.21 -16.19 24.41
C VAL B 233 30.16 -16.80 23.45
N VAL B 234 29.20 -15.97 23.03
CA VAL B 234 28.14 -16.38 22.10
C VAL B 234 28.76 -16.72 20.75
N LYS B 235 29.50 -15.77 20.19
CA LYS B 235 30.32 -15.97 18.99
C LYS B 235 31.27 -17.15 19.00
N ASP B 236 32.09 -17.27 20.04
CA ASP B 236 32.99 -18.41 20.17
C ASP B 236 32.22 -19.73 20.24
N ALA B 237 31.12 -19.70 20.99
CA ALA B 237 30.29 -20.89 21.14
C ALA B 237 29.75 -21.29 19.76
N ALA B 238 29.15 -20.32 19.07
CA ALA B 238 28.64 -20.49 17.72
C ALA B 238 29.65 -21.02 16.68
N GLU B 239 30.91 -20.60 16.80
CA GLU B 239 31.96 -21.05 15.88
C GLU B 239 32.36 -22.50 16.13
N ASN B 240 32.41 -22.91 17.40
CA ASN B 240 32.74 -24.28 17.79
C ASN B 240 31.59 -25.20 17.51
N ALA B 241 30.37 -24.73 17.78
CA ALA B 241 29.20 -25.57 17.57
C ALA B 241 29.06 -25.88 16.09
N ALA B 242 29.47 -24.94 15.25
CA ALA B 242 29.36 -25.06 13.77
C ALA B 242 30.33 -26.11 13.17
N LYS B 243 31.60 -25.97 13.50
CA LYS B 243 32.65 -27.01 13.34
C LYS B 243 32.23 -28.46 13.69
N TYR B 244 31.61 -28.64 14.85
CA TYR B 244 31.02 -29.92 15.29
C TYR B 244 29.79 -30.36 14.45
N HIS B 245 28.92 -29.36 14.17
CA HIS B 245 27.75 -29.42 13.24
C HIS B 245 28.22 -29.99 11.89
N THR B 246 29.17 -29.31 11.25
CA THR B 246 29.79 -29.82 10.02
C THR B 246 30.23 -31.29 10.14
N LYS B 247 30.91 -31.63 11.23
CA LYS B 247 31.50 -32.94 11.37
C LYS B 247 30.44 -34.02 11.52
N LEU B 248 29.38 -33.71 12.23
CA LEU B 248 28.21 -34.57 12.30
C LEU B 248 27.74 -35.00 10.91
N PHE B 249 27.61 -34.03 10.01
CA PHE B 249 27.17 -34.27 8.64
C PHE B 249 28.21 -34.94 7.75
N VAL B 250 29.44 -34.45 7.81
CA VAL B 250 30.57 -35.00 7.04
C VAL B 250 30.84 -36.47 7.33
N ASP B 251 30.79 -36.82 8.61
CA ASP B 251 31.03 -38.21 9.00
C ASP B 251 29.87 -39.15 8.64
N GLY B 252 28.63 -38.68 8.86
CA GLY B 252 27.49 -39.52 8.59
C GLY B 252 27.34 -39.81 7.11
N GLU B 253 27.76 -38.83 6.28
CA GLU B 253 27.72 -38.96 4.83
C GLU B 253 28.67 -40.04 4.32
N LYS B 254 29.64 -40.42 5.14
CA LYS B 254 30.43 -41.64 5.00
C LYS B 254 29.64 -42.92 5.43
N ASP B 255 28.89 -42.86 6.55
CA ASP B 255 28.24 -44.05 7.18
C ASP B 255 26.76 -44.38 6.86
N LEU B 256 26.02 -43.42 6.31
CA LEU B 256 24.56 -43.52 6.32
C LEU B 256 23.98 -44.45 5.24
N VAL B 257 24.66 -44.55 4.11
CA VAL B 257 24.20 -45.39 3.02
C VAL B 257 24.13 -46.85 3.47
N THR B 258 25.16 -47.30 4.17
CA THR B 258 25.23 -48.61 4.79
C THR B 258 24.13 -48.87 5.78
N PHE B 259 23.85 -47.86 6.61
CA PHE B 259 22.81 -47.92 7.62
C PHE B 259 21.42 -48.08 6.96
N PHE B 260 21.13 -47.32 5.90
CA PHE B 260 19.81 -47.41 5.22
C PHE B 260 19.64 -48.74 4.48
N GLU B 261 20.75 -49.31 4.03
CA GLU B 261 20.72 -50.65 3.43
C GLU B 261 20.33 -51.73 4.42
N LYS B 262 20.93 -51.68 5.62
CA LYS B 262 20.46 -52.44 6.80
C LYS B 262 18.92 -52.34 7.00
N GLN B 263 18.38 -51.15 6.72
CA GLN B 263 16.98 -50.82 6.98
C GLN B 263 16.06 -51.33 5.90
N GLY B 264 16.62 -51.92 4.84
CA GLY B 264 15.84 -52.43 3.72
C GLY B 264 15.83 -51.48 2.54
N VAL B 265 16.41 -50.27 2.72
CA VAL B 265 16.48 -49.29 1.62
C VAL B 265 17.54 -49.67 0.56
N LYS B 266 17.19 -49.47 -0.71
CA LYS B 266 18.04 -49.77 -1.87
C LYS B 266 18.54 -48.45 -2.48
N ILE B 267 19.84 -48.39 -2.78
CA ILE B 267 20.50 -47.17 -3.28
C ILE B 267 20.87 -47.26 -4.79
N THR B 268 20.63 -46.15 -5.49
CA THR B 268 20.98 -45.95 -6.92
C THR B 268 21.89 -44.75 -7.12
N HIS B 269 22.56 -44.78 -8.26
CA HIS B 269 23.60 -43.84 -8.63
C HIS B 269 23.30 -43.43 -10.06
N PRO B 270 22.17 -42.70 -10.27
CA PRO B 270 21.79 -42.32 -11.64
C PRO B 270 22.87 -41.43 -12.31
N ASP B 271 22.89 -41.44 -13.62
CA ASP B 271 23.80 -40.57 -14.34
C ASP B 271 23.33 -39.10 -14.14
N LEU B 272 24.28 -38.27 -13.65
CA LEU B 272 23.97 -36.90 -13.23
C LEU B 272 24.25 -35.86 -14.31
N VAL B 273 24.76 -36.33 -15.46
CA VAL B 273 24.97 -35.43 -16.60
C VAL B 273 23.62 -34.85 -17.08
N PRO B 274 22.62 -35.72 -17.35
CA PRO B 274 21.25 -35.29 -17.69
C PRO B 274 20.59 -34.36 -16.68
N PHE B 275 20.75 -34.72 -15.42
CA PHE B 275 20.36 -33.92 -14.27
C PHE B 275 20.83 -32.49 -14.33
N LYS B 276 22.13 -32.34 -14.20
CA LYS B 276 22.88 -31.13 -14.47
C LYS B 276 22.53 -30.40 -15.78
N GLU B 277 22.52 -31.14 -16.88
CA GLU B 277 22.16 -30.58 -18.15
C GLU B 277 20.74 -29.92 -18.14
N SER B 278 19.79 -30.53 -17.43
CA SER B 278 18.44 -29.94 -17.32
C SER B 278 18.35 -28.65 -16.49
N MET B 279 19.33 -28.42 -15.60
CA MET B 279 19.32 -27.23 -14.79
C MET B 279 19.88 -26.07 -15.56
N LYS B 280 20.64 -26.33 -16.63
CA LYS B 280 21.24 -25.20 -17.37
C LYS B 280 20.19 -24.17 -17.85
N PRO B 281 19.04 -24.63 -18.41
CA PRO B 281 18.00 -23.64 -18.78
C PRO B 281 17.34 -22.94 -17.54
N TYR B 282 17.42 -23.59 -16.37
CA TYR B 282 17.03 -22.95 -15.14
C TYR B 282 17.99 -21.82 -14.81
N TYR B 283 19.29 -22.09 -14.92
CA TYR B 283 20.33 -21.10 -14.64
C TYR B 283 20.21 -19.85 -15.52
N ALA B 284 19.87 -20.06 -16.79
CA ALA B 284 19.68 -19.00 -17.77
C ALA B 284 18.50 -18.07 -17.43
N GLU B 285 17.53 -18.66 -16.75
CA GLU B 285 16.27 -18.05 -16.45
C GLU B 285 16.39 -17.33 -15.14
N PHE B 286 16.94 -18.00 -14.14
CA PHE B 286 17.37 -17.31 -12.90
C PHE B 286 18.03 -15.93 -13.16
N VAL B 287 18.89 -15.86 -14.20
CA VAL B 287 19.74 -14.71 -14.53
C VAL B 287 18.94 -13.61 -15.21
N LYS B 288 18.03 -14.06 -16.08
CA LYS B 288 17.07 -13.19 -16.75
C LYS B 288 16.03 -12.68 -15.73
N GLN B 289 15.62 -13.51 -14.77
CA GLN B 289 14.66 -13.07 -13.75
C GLN B 289 15.29 -12.13 -12.72
N THR B 290 16.39 -12.56 -12.13
CA THR B 290 17.25 -11.73 -11.27
C THR B 290 18.01 -10.73 -12.13
N GLY B 291 18.43 -9.62 -11.57
CA GLY B 291 19.17 -8.71 -12.44
C GLY B 291 20.60 -9.11 -12.77
N GLN B 292 21.46 -8.10 -12.97
CA GLN B 292 22.89 -8.30 -12.99
C GLN B 292 23.38 -8.86 -11.65
N LYS B 293 22.61 -8.63 -10.59
CA LYS B 293 22.95 -9.13 -9.25
C LYS B 293 22.97 -10.65 -9.20
N GLY B 294 22.03 -11.31 -9.88
CA GLY B 294 22.07 -12.76 -10.09
C GLY B 294 23.26 -13.21 -10.93
N GLU B 295 23.35 -12.68 -12.15
CA GLU B 295 24.43 -12.98 -13.10
C GLU B 295 25.83 -12.82 -12.50
N SER B 296 26.02 -11.74 -11.76
CA SER B 296 27.29 -11.41 -11.12
C SER B 296 27.57 -12.39 -9.93
N ALA B 297 26.56 -12.63 -9.11
CA ALA B 297 26.59 -13.69 -8.10
C ALA B 297 26.97 -15.11 -8.64
N LEU B 298 26.34 -15.50 -9.73
CA LEU B 298 26.66 -16.77 -10.36
C LEU B 298 28.13 -16.85 -10.80
N LYS B 299 28.60 -15.86 -11.53
CA LYS B 299 29.99 -15.90 -11.99
C LYS B 299 31.02 -15.78 -10.86
N GLN B 300 30.68 -15.05 -9.79
CA GLN B 300 31.56 -14.99 -8.62
C GLN B 300 31.76 -16.37 -7.99
N ILE B 301 30.66 -17.06 -7.70
CA ILE B 301 30.70 -18.44 -7.18
C ILE B 301 31.33 -19.43 -8.15
N GLU B 302 31.06 -19.25 -9.43
CA GLU B 302 31.66 -20.07 -10.47
C GLU B 302 33.21 -19.91 -10.41
N ALA B 303 33.70 -18.73 -10.06
CA ALA B 303 35.15 -18.46 -9.99
C ALA B 303 35.91 -19.14 -8.85
N ILE B 304 35.20 -19.56 -7.81
CA ILE B 304 35.78 -20.30 -6.70
C ILE B 304 36.26 -21.68 -7.17
N ASN B 305 37.56 -21.93 -6.96
CA ASN B 305 38.19 -23.21 -7.23
C ASN B 305 37.67 -24.16 -6.13
N PRO B 306 36.90 -25.21 -6.53
CA PRO B 306 36.43 -26.27 -5.62
C PRO B 306 37.47 -26.92 -4.65
N ASP C 2 22.83 15.87 -32.95
CA ASP C 2 22.06 14.73 -33.58
C ASP C 2 21.21 13.95 -32.58
N TYR C 3 21.89 13.09 -31.80
CA TYR C 3 21.31 12.09 -30.87
C TYR C 3 20.36 11.03 -31.47
N ASP C 4 20.89 9.85 -31.82
CA ASP C 4 20.10 8.77 -32.46
C ASP C 4 19.58 7.76 -31.46
N LEU C 5 18.30 7.86 -31.12
CA LEU C 5 17.77 7.18 -29.94
C LEU C 5 16.83 6.01 -30.25
N LYS C 6 16.88 4.97 -29.42
CA LYS C 6 16.11 3.77 -29.67
C LYS C 6 15.09 3.58 -28.57
N PHE C 7 13.89 3.22 -28.97
CA PHE C 7 12.78 2.91 -28.06
C PHE C 7 12.25 1.50 -28.31
N GLY C 8 12.46 0.61 -27.32
CA GLY C 8 12.12 -0.81 -27.41
C GLY C 8 10.84 -1.16 -26.66
N MET C 9 10.08 -2.09 -27.25
CA MET C 9 8.80 -2.49 -26.72
C MET C 9 8.36 -3.88 -27.20
N ASN C 10 7.58 -4.57 -26.34
CA ASN C 10 6.91 -5.83 -26.70
C ASN C 10 5.71 -5.60 -27.60
N ALA C 11 5.10 -4.44 -27.44
CA ALA C 11 3.87 -4.09 -28.11
C ALA C 11 4.11 -3.92 -29.61
N GLY C 12 3.10 -4.30 -30.41
CA GLY C 12 3.21 -4.21 -31.88
C GLY C 12 2.97 -2.82 -32.45
N THR C 13 3.06 -2.71 -33.77
CA THR C 13 2.86 -1.44 -34.48
C THR C 13 1.38 -0.99 -34.55
N SER C 14 0.47 -1.88 -34.15
CA SER C 14 -0.97 -1.58 -34.10
C SER C 14 -1.44 -1.18 -32.70
N SER C 15 -0.51 -1.15 -31.73
CA SER C 15 -0.84 -0.93 -30.29
C SER C 15 -1.01 0.57 -29.90
N ASN C 16 -1.64 0.82 -28.76
CA ASN C 16 -1.70 2.16 -28.13
C ASN C 16 -0.33 2.63 -27.55
N GLU C 17 0.38 1.69 -26.92
CA GLU C 17 1.79 1.90 -26.59
C GLU C 17 2.56 2.51 -27.78
N TYR C 18 2.47 1.88 -28.95
CA TYR C 18 3.23 2.30 -30.14
C TYR C 18 2.82 3.67 -30.60
N LYS C 19 1.51 3.87 -30.70
CA LYS C 19 0.94 5.16 -31.05
C LYS C 19 1.37 6.30 -30.11
N ALA C 20 1.43 6.00 -28.82
CA ALA C 20 1.78 7.02 -27.81
C ALA C 20 3.30 7.28 -27.84
N ALA C 21 4.08 6.19 -27.85
CA ALA C 21 5.52 6.24 -28.08
C ALA C 21 5.94 6.95 -29.39
N GLU C 22 5.06 6.86 -30.38
CA GLU C 22 5.27 7.45 -31.70
C GLU C 22 4.98 8.95 -31.63
N MET C 23 4.20 9.37 -30.63
CA MET C 23 3.89 10.78 -30.41
C MET C 23 4.98 11.37 -29.56
N PHE C 24 5.49 10.61 -28.60
CA PHE C 24 6.68 10.98 -27.83
C PHE C 24 7.82 11.39 -28.81
N ALA C 25 8.21 10.42 -29.66
CA ALA C 25 9.29 10.51 -30.66
C ALA C 25 9.25 11.72 -31.58
N LYS C 26 8.05 11.98 -32.10
CA LYS C 26 7.86 13.06 -33.08
C LYS C 26 7.95 14.46 -32.44
N GLU C 27 7.47 14.54 -31.20
CA GLU C 27 7.51 15.78 -30.40
C GLU C 27 8.97 16.13 -30.08
N VAL C 28 9.69 15.16 -29.52
CA VAL C 28 11.09 15.33 -29.14
C VAL C 28 11.94 15.88 -30.31
N LYS C 29 11.46 15.79 -31.54
CA LYS C 29 12.07 16.60 -32.62
C LYS C 29 11.91 18.15 -32.39
N GLU C 30 12.75 18.65 -31.47
CA GLU C 30 13.05 20.07 -31.22
C GLU C 30 14.45 20.31 -31.81
N LYS C 31 14.79 19.45 -32.76
CA LYS C 31 16.09 18.79 -32.85
C LYS C 31 17.27 19.36 -32.02
N ILE C 36 17.00 14.80 -31.55
CA ILE C 36 17.20 13.65 -30.67
C ILE C 36 16.46 12.43 -31.18
N GLU C 37 16.24 12.37 -32.50
CA GLU C 37 15.19 11.54 -33.06
C GLU C 37 15.22 10.14 -32.48
N ILE C 38 14.03 9.57 -32.27
CA ILE C 38 13.92 8.28 -31.62
C ILE C 38 13.20 7.30 -32.59
N SER C 39 13.85 6.18 -32.89
CA SER C 39 13.27 5.12 -33.73
C SER C 39 12.79 3.99 -32.85
N LEU C 40 11.78 3.25 -33.31
CA LEU C 40 11.01 2.38 -32.43
C LEU C 40 11.19 0.91 -32.78
N TYR C 41 11.49 0.07 -31.79
CA TYR C 41 11.73 -1.34 -32.05
C TYR C 41 10.69 -2.23 -31.42
N PRO C 42 9.57 -2.43 -32.13
CA PRO C 42 8.36 -2.99 -31.53
C PRO C 42 8.31 -4.53 -31.58
N SER C 43 7.20 -5.13 -31.16
CA SER C 43 7.04 -6.58 -31.17
C SER C 43 8.30 -7.34 -30.73
N SER C 44 8.92 -6.87 -29.65
CA SER C 44 10.08 -7.54 -29.03
C SER C 44 11.24 -7.82 -29.99
N GLN C 45 11.37 -7.00 -31.03
CA GLN C 45 12.49 -7.15 -31.97
C GLN C 45 13.85 -7.14 -31.26
N LEU C 46 13.96 -6.39 -30.17
CA LEU C 46 15.22 -6.29 -29.41
C LEU C 46 15.30 -7.26 -28.22
N GLY C 47 14.22 -7.98 -27.99
CA GLY C 47 14.14 -8.95 -26.88
C GLY C 47 12.83 -8.81 -26.15
N ASP C 48 12.74 -9.47 -25.00
CA ASP C 48 11.63 -9.33 -24.08
C ASP C 48 11.90 -8.13 -23.21
N ASP C 49 10.98 -7.83 -22.30
CA ASP C 49 11.03 -6.61 -21.49
C ASP C 49 12.17 -6.59 -20.49
N ARG C 50 12.52 -7.74 -19.92
CA ARG C 50 13.65 -7.83 -19.00
C ARG C 50 14.95 -7.63 -19.79
N ALA C 51 15.08 -8.33 -20.90
CA ALA C 51 16.21 -8.12 -21.79
C ALA C 51 16.38 -6.63 -22.01
N MET C 52 15.29 -5.98 -22.46
CA MET C 52 15.28 -4.54 -22.82
C MET C 52 15.56 -3.60 -21.64
N LEU C 53 15.06 -3.95 -20.47
CA LEU C 53 15.33 -3.16 -19.27
C LEU C 53 16.82 -3.06 -18.91
N LYS C 54 17.60 -4.05 -19.33
CA LYS C 54 19.02 -4.09 -19.04
C LYS C 54 19.87 -3.53 -20.17
N GLN C 55 19.39 -3.68 -21.39
CA GLN C 55 19.79 -2.83 -22.45
C GLN C 55 19.80 -1.35 -21.99
N LEU C 56 18.86 -0.89 -21.17
CA LEU C 56 18.96 0.49 -20.60
C LEU C 56 20.10 0.59 -19.55
N LYS C 57 20.11 -0.36 -18.61
CA LYS C 57 21.16 -0.51 -17.59
C LYS C 57 22.55 -0.24 -18.16
N ASP C 58 22.87 -0.89 -19.29
CA ASP C 58 24.21 -0.82 -19.84
C ASP C 58 24.17 -0.10 -21.17
N GLY C 59 23.31 0.90 -21.24
CA GLY C 59 23.36 1.89 -22.31
C GLY C 59 23.10 1.48 -23.73
N SER C 60 22.97 0.18 -24.00
CA SER C 60 22.73 -0.29 -25.36
C SER C 60 21.31 0.06 -25.87
N LEU C 61 20.35 0.36 -24.97
CA LEU C 61 19.02 0.88 -25.35
C LEU C 61 18.76 2.20 -24.61
N ASP C 62 18.02 3.11 -25.26
CA ASP C 62 17.74 4.45 -24.70
C ASP C 62 16.45 4.51 -23.93
N PHE C 63 15.40 3.96 -24.52
CA PHE C 63 14.07 3.98 -23.92
C PHE C 63 13.41 2.61 -23.97
N THR C 64 12.56 2.34 -22.97
CA THR C 64 11.63 1.23 -23.03
C THR C 64 10.46 1.42 -22.12
N PHE C 65 9.52 0.51 -22.26
CA PHE C 65 8.39 0.34 -21.30
C PHE C 65 8.62 -0.69 -20.20
N ALA C 66 8.03 -0.45 -19.03
CA ALA C 66 7.84 -1.50 -18.02
C ALA C 66 6.56 -1.30 -17.23
N GLU C 67 6.04 -2.37 -16.62
N GLU C 67 6.11 -2.39 -16.60
CA GLU C 67 4.92 -2.23 -15.68
CA GLU C 67 5.00 -2.36 -15.65
C GLU C 67 5.53 -2.13 -14.29
C GLU C 67 5.62 -2.07 -14.27
N SER C 68 4.96 -1.30 -13.42
CA SER C 68 5.46 -1.09 -12.05
C SER C 68 5.60 -2.46 -11.27
N ALA C 69 4.67 -3.39 -11.54
CA ALA C 69 4.62 -4.70 -10.86
C ALA C 69 5.82 -5.61 -11.26
N ARG C 70 6.26 -5.45 -12.48
CA ARG C 70 7.34 -6.17 -13.05
C ARG C 70 8.65 -6.03 -12.23
N PHE C 71 8.77 -4.95 -11.46
CA PHE C 71 9.97 -4.71 -10.61
C PHE C 71 10.00 -5.60 -9.37
N GLN C 72 8.93 -6.33 -9.16
CA GLN C 72 8.92 -7.45 -8.22
C GLN C 72 10.06 -8.49 -8.45
N LEU C 73 10.53 -8.58 -9.68
CA LEU C 73 11.71 -9.33 -10.02
C LEU C 73 12.96 -8.97 -9.23
N PHE C 74 13.04 -7.71 -8.77
CA PHE C 74 14.20 -7.19 -8.04
C PHE C 74 13.90 -6.88 -6.58
N TYR C 75 12.69 -6.35 -6.38
CA TYR C 75 12.14 -5.96 -5.09
C TYR C 75 10.79 -6.65 -4.91
N PRO C 76 10.79 -7.80 -4.21
CA PRO C 76 9.63 -8.66 -4.03
C PRO C 76 8.34 -7.93 -3.65
N GLU C 77 8.48 -6.92 -2.79
CA GLU C 77 7.37 -6.09 -2.29
C GLU C 77 6.60 -5.33 -3.35
N ALA C 78 7.23 -5.14 -4.51
CA ALA C 78 6.67 -4.31 -5.55
C ALA C 78 5.58 -5.10 -6.33
N ALA C 79 5.37 -6.36 -5.92
CA ALA C 79 4.28 -7.23 -6.42
C ALA C 79 2.89 -6.84 -5.96
N VAL C 80 2.81 -5.79 -5.11
CA VAL C 80 1.63 -5.20 -4.46
C VAL C 80 0.75 -4.51 -5.49
N PHE C 81 1.43 -3.88 -6.45
CA PHE C 81 0.84 -3.29 -7.64
C PHE C 81 0.02 -4.29 -8.45
N ALA C 82 0.36 -5.53 -8.30
CA ALA C 82 -0.25 -6.59 -9.06
C ALA C 82 -1.17 -7.44 -8.18
N LEU C 83 -1.28 -7.09 -6.89
CA LEU C 83 -2.13 -7.88 -5.98
C LEU C 83 -3.56 -7.45 -6.26
N PRO C 84 -4.49 -8.44 -6.30
CA PRO C 84 -5.84 -8.14 -6.79
C PRO C 84 -6.67 -7.24 -5.84
N TYR C 85 -7.30 -6.23 -6.40
CA TYR C 85 -8.03 -5.20 -5.61
C TYR C 85 -7.20 -4.18 -4.80
N VAL C 86 -5.89 -4.27 -4.78
CA VAL C 86 -5.08 -3.36 -4.01
C VAL C 86 -5.05 -2.03 -4.75
N ILE C 87 -4.70 -2.08 -6.04
CA ILE C 87 -4.70 -0.91 -6.93
C ILE C 87 -6.13 -0.75 -7.54
N SER C 88 -7.01 -0.08 -6.80
CA SER C 88 -8.45 -0.07 -7.10
C SER C 88 -8.73 0.50 -8.47
N ASN C 89 -8.01 1.55 -8.83
CA ASN C 89 -8.15 2.19 -10.10
C ASN C 89 -6.83 2.83 -10.48
N TYR C 90 -6.80 3.50 -11.64
CA TYR C 90 -5.57 4.15 -12.09
C TYR C 90 -5.12 5.30 -11.18
N ASN C 91 -6.06 5.97 -10.52
CA ASN C 91 -5.72 7.00 -9.57
C ASN C 91 -4.88 6.48 -8.43
N VAL C 92 -5.34 5.36 -7.86
CA VAL C 92 -4.59 4.64 -6.85
C VAL C 92 -3.19 4.24 -7.36
N ALA C 93 -3.09 3.81 -8.62
CA ALA C 93 -1.81 3.48 -9.24
C ALA C 93 -0.81 4.62 -9.30
N GLN C 94 -1.33 5.86 -9.38
CA GLN C 94 -0.47 7.02 -9.57
C GLN C 94 0.07 7.40 -8.20
N LYS C 95 -0.84 7.46 -7.24
CA LYS C 95 -0.54 7.80 -5.85
C LYS C 95 0.47 6.77 -5.23
N ALA C 96 0.14 5.49 -5.36
CA ALA C 96 1.04 4.35 -5.10
C ALA C 96 2.52 4.58 -5.44
N LEU C 97 2.77 5.05 -6.66
CA LEU C 97 4.11 5.26 -7.22
C LEU C 97 4.72 6.62 -6.88
N PHE C 98 3.96 7.69 -7.00
CA PHE C 98 4.53 9.04 -6.79
C PHE C 98 4.31 9.59 -5.39
N ASP C 99 3.28 9.09 -4.70
CA ASP C 99 2.82 9.64 -3.43
C ASP C 99 3.09 8.76 -2.18
N THR C 100 3.62 7.56 -2.34
CA THR C 100 4.07 6.79 -1.16
C THR C 100 5.59 6.83 -1.04
N GLU C 101 6.10 6.57 0.15
CA GLU C 101 7.54 6.54 0.33
C GLU C 101 8.08 5.22 -0.16
N PHE C 102 7.20 4.24 -0.25
CA PHE C 102 7.50 3.00 -0.94
C PHE C 102 7.74 3.26 -2.44
N GLY C 103 6.84 4.01 -3.06
CA GLY C 103 6.95 4.28 -4.49
C GLY C 103 8.12 5.17 -4.84
N LYS C 104 8.31 6.21 -4.03
CA LYS C 104 9.44 7.17 -4.19
C LYS C 104 10.78 6.44 -3.93
N ASP C 105 10.80 5.56 -2.93
CA ASP C 105 11.96 4.70 -2.73
C ASP C 105 12.21 3.81 -3.93
N LEU C 106 11.14 3.25 -4.50
CA LEU C 106 11.28 2.38 -5.64
C LEU C 106 11.83 3.17 -6.84
N ILE C 107 11.33 4.38 -7.05
CA ILE C 107 11.83 5.23 -8.14
C ILE C 107 13.35 5.49 -7.98
N LYS C 108 13.82 5.71 -6.74
CA LYS C 108 15.25 5.76 -6.42
C LYS C 108 15.99 4.46 -6.70
N LYS C 109 15.50 3.34 -6.16
CA LYS C 109 16.06 2.02 -6.49
C LYS C 109 16.24 1.84 -8.02
N MET C 110 15.24 2.24 -8.80
CA MET C 110 15.26 2.11 -10.27
C MET C 110 16.39 2.89 -10.90
N ASP C 111 16.69 4.03 -10.26
CA ASP C 111 17.79 4.91 -10.62
C ASP C 111 19.12 4.36 -10.11
N LYS C 112 19.22 4.11 -8.80
CA LYS C 112 20.50 3.73 -8.15
C LYS C 112 20.92 2.30 -8.44
N ASP C 113 20.01 1.33 -8.27
CA ASP C 113 20.32 -0.08 -8.59
C ASP C 113 20.17 -0.45 -10.08
N LEU C 114 19.11 -0.01 -10.74
CA LEU C 114 18.82 -0.50 -12.10
C LEU C 114 19.27 0.42 -13.26
N GLY C 115 19.69 1.65 -12.97
CA GLY C 115 20.20 2.55 -14.03
C GLY C 115 19.19 3.17 -15.02
N VAL C 116 17.94 3.23 -14.60
CA VAL C 116 16.87 3.81 -15.44
C VAL C 116 16.27 5.04 -14.77
N THR C 117 15.88 6.03 -15.56
CA THR C 117 15.11 7.14 -14.98
C THR C 117 13.64 7.05 -15.38
N LEU C 118 12.77 7.43 -14.44
CA LEU C 118 11.35 7.33 -14.65
C LEU C 118 10.84 8.69 -15.11
N LEU C 119 10.47 8.75 -16.39
CA LEU C 119 10.01 9.98 -17.02
C LEU C 119 8.52 10.18 -16.73
N SER C 120 7.75 9.10 -16.88
CA SER C 120 6.31 9.16 -16.65
C SER C 120 5.61 7.80 -16.54
N GLN C 121 4.34 7.89 -16.16
CA GLN C 121 3.48 6.74 -15.93
C GLN C 121 2.14 6.92 -16.66
N ALA C 122 1.77 5.88 -17.43
CA ALA C 122 0.56 5.83 -18.18
C ALA C 122 -0.28 4.62 -17.76
N TYR C 123 -1.60 4.80 -17.93
CA TYR C 123 -2.60 3.79 -17.75
C TYR C 123 -2.53 2.80 -18.91
N ASN C 124 -2.50 1.50 -18.60
CA ASN C 124 -2.34 0.46 -19.62
C ASN C 124 -3.41 -0.62 -19.53
N GLY C 125 -4.62 -0.26 -19.14
CA GLY C 125 -5.72 -1.21 -19.15
C GLY C 125 -5.88 -2.04 -17.88
N THR C 126 -7.13 -2.48 -17.65
CA THR C 126 -7.53 -3.26 -16.47
C THR C 126 -8.07 -4.63 -16.91
N ARG C 127 -7.64 -5.67 -16.19
CA ARG C 127 -8.09 -7.05 -16.40
C ARG C 127 -9.53 -7.24 -15.94
N GLN C 128 -10.30 -8.00 -16.75
CA GLN C 128 -11.78 -8.19 -16.56
C GLN C 128 -12.14 -9.65 -16.81
N THR C 129 -13.33 -10.06 -16.35
CA THR C 129 -13.77 -11.46 -16.43
C THR C 129 -14.95 -11.67 -17.41
N THR C 130 -14.65 -12.34 -18.52
CA THR C 130 -15.69 -12.87 -19.40
C THR C 130 -16.18 -14.20 -18.84
N SER C 131 -17.42 -14.55 -19.15
CA SER C 131 -18.01 -15.83 -18.69
C SER C 131 -19.17 -16.29 -19.56
N ASN C 132 -19.61 -17.55 -19.33
CA ASN C 132 -20.70 -18.16 -20.11
C ASN C 132 -22.09 -18.00 -19.48
N ARG C 133 -22.11 -17.52 -18.23
CA ARG C 133 -23.30 -17.19 -17.47
C ARG C 133 -22.98 -15.86 -16.77
N ALA C 134 -23.99 -15.16 -16.21
CA ALA C 134 -23.76 -13.76 -15.74
C ALA C 134 -23.16 -13.71 -14.34
N ILE C 135 -22.30 -12.68 -14.16
CA ILE C 135 -21.71 -12.37 -12.84
C ILE C 135 -22.39 -11.08 -12.33
N ASN C 136 -23.49 -11.27 -11.60
CA ASN C 136 -24.26 -10.18 -11.05
C ASN C 136 -23.76 -9.85 -9.64
N SER C 137 -23.02 -10.80 -9.05
CA SER C 137 -22.42 -10.66 -7.72
C SER C 137 -21.36 -11.76 -7.48
N ILE C 138 -20.76 -11.72 -6.29
CA ILE C 138 -19.71 -12.70 -5.96
C ILE C 138 -20.32 -14.09 -5.73
N ALA C 139 -21.64 -14.17 -5.50
CA ALA C 139 -22.33 -15.46 -5.36
C ALA C 139 -22.20 -16.23 -6.64
N ASP C 140 -22.05 -15.49 -7.75
CA ASP C 140 -21.97 -16.16 -9.07
C ASP C 140 -20.59 -16.77 -9.40
N MET C 141 -19.55 -16.35 -8.70
CA MET C 141 -18.21 -16.82 -8.96
C MET C 141 -18.07 -18.28 -8.54
N LYS C 142 -18.85 -18.72 -7.56
CA LYS C 142 -18.87 -20.09 -7.11
C LYS C 142 -19.27 -21.06 -8.25
N GLY C 143 -18.40 -22.06 -8.49
CA GLY C 143 -18.61 -23.10 -9.52
C GLY C 143 -18.13 -22.70 -10.89
N LEU C 144 -17.50 -21.55 -11.00
CA LEU C 144 -17.13 -20.99 -12.32
C LEU C 144 -15.72 -21.44 -12.69
N LYS C 145 -15.57 -22.32 -13.69
CA LYS C 145 -14.25 -22.68 -14.14
C LYS C 145 -13.58 -21.52 -14.84
N LEU C 146 -12.74 -20.82 -14.10
CA LEU C 146 -12.08 -19.62 -14.60
C LEU C 146 -10.64 -19.86 -15.06
N ARG C 147 -10.39 -19.65 -16.36
CA ARG C 147 -9.03 -19.78 -16.88
C ARG C 147 -8.23 -18.53 -16.59
N VAL C 148 -7.03 -18.78 -16.09
CA VAL C 148 -6.16 -17.73 -15.63
C VAL C 148 -4.78 -18.08 -16.17
N PRO C 149 -3.91 -17.06 -16.30
CA PRO C 149 -2.51 -17.41 -16.56
C PRO C 149 -1.92 -18.17 -15.39
N ASN C 150 -0.80 -18.82 -15.66
CA ASN C 150 -0.12 -19.56 -14.63
C ASN C 150 0.91 -18.63 -13.96
N ALA C 151 0.32 -17.74 -13.15
CA ALA C 151 0.99 -16.67 -12.44
C ALA C 151 0.23 -16.57 -11.12
N ALA C 152 0.95 -16.36 -10.03
CA ALA C 152 0.42 -16.50 -8.67
C ALA C 152 -0.76 -15.60 -8.34
N THR C 153 -0.70 -14.35 -8.79
CA THR C 153 -1.73 -13.31 -8.52
C THR C 153 -3.07 -13.65 -9.18
N ASN C 154 -3.01 -14.15 -10.42
CA ASN C 154 -4.19 -14.52 -11.19
C ASN C 154 -4.90 -15.76 -10.64
N LEU C 155 -4.09 -16.75 -10.29
CA LEU C 155 -4.50 -17.92 -9.56
C LEU C 155 -5.17 -17.54 -8.24
N ALA C 156 -4.54 -16.61 -7.50
CA ALA C 156 -5.15 -16.05 -6.25
C ALA C 156 -6.50 -15.38 -6.49
N TYR C 157 -6.56 -14.42 -7.40
CA TYR C 157 -7.79 -13.82 -7.78
C TYR C 157 -8.93 -14.81 -7.95
N ALA C 158 -8.75 -15.85 -8.77
CA ALA C 158 -9.85 -16.82 -9.02
C ALA C 158 -10.20 -17.64 -7.79
N LYS C 159 -9.20 -18.01 -7.02
CA LYS C 159 -9.37 -18.86 -5.85
C LYS C 159 -10.17 -18.20 -4.70
N TYR C 160 -9.81 -16.97 -4.40
CA TYR C 160 -10.37 -16.23 -3.27
C TYR C 160 -11.71 -15.60 -3.52
N VAL C 161 -12.04 -15.28 -4.79
CA VAL C 161 -13.42 -14.85 -5.12
C VAL C 161 -14.40 -16.05 -5.09
N GLY C 162 -13.88 -17.28 -4.90
CA GLY C 162 -14.72 -18.46 -4.76
C GLY C 162 -14.81 -19.29 -6.02
N ALA C 163 -14.08 -18.89 -7.06
CA ALA C 163 -14.12 -19.61 -8.34
C ALA C 163 -13.14 -20.79 -8.33
N SER C 164 -13.12 -21.53 -9.45
CA SER C 164 -12.28 -22.72 -9.63
C SER C 164 -11.18 -22.38 -10.64
N PRO C 165 -9.96 -22.00 -10.15
CA PRO C 165 -8.93 -21.54 -11.08
C PRO C 165 -8.52 -22.64 -12.03
N THR C 166 -8.52 -22.33 -13.31
CA THR C 166 -8.32 -23.34 -14.37
C THR C 166 -7.17 -22.90 -15.34
N PRO C 167 -5.92 -23.28 -15.03
CA PRO C 167 -4.91 -22.91 -16.01
C PRO C 167 -4.99 -23.85 -17.24
N MET C 168 -4.41 -23.38 -18.34
CA MET C 168 -4.53 -24.02 -19.62
C MET C 168 -3.73 -23.20 -20.63
N ALA C 169 -3.06 -23.86 -21.57
CA ALA C 169 -2.31 -23.15 -22.60
C ALA C 169 -3.23 -22.21 -23.40
N PHE C 170 -2.68 -21.09 -23.85
CA PHE C 170 -3.44 -19.95 -24.35
C PHE C 170 -4.17 -20.25 -25.64
N SER C 171 -3.46 -21.00 -26.50
CA SER C 171 -4.01 -21.60 -27.72
C SER C 171 -5.24 -22.50 -27.51
N GLU C 172 -5.46 -22.99 -26.29
CA GLU C 172 -6.56 -23.95 -26.02
C GLU C 172 -7.91 -23.28 -25.73
N VAL C 173 -7.85 -22.07 -25.20
CA VAL C 173 -8.96 -21.48 -24.48
C VAL C 173 -10.22 -21.30 -25.34
N TYR C 174 -10.07 -20.78 -26.56
CA TYR C 174 -11.23 -20.47 -27.38
C TYR C 174 -12.18 -21.69 -27.49
N LEU C 175 -11.61 -22.86 -27.78
CA LEU C 175 -12.36 -24.10 -27.91
C LEU C 175 -12.98 -24.52 -26.56
N ALA C 176 -12.20 -24.42 -25.49
CA ALA C 176 -12.69 -24.67 -24.13
C ALA C 176 -13.91 -23.81 -23.77
N LEU C 177 -13.87 -22.54 -24.17
CA LEU C 177 -14.94 -21.61 -23.90
C LEU C 177 -16.21 -21.89 -24.73
N GLN C 178 -16.02 -22.39 -25.95
CA GLN C 178 -17.09 -22.57 -26.89
C GLN C 178 -17.89 -23.81 -26.50
N THR C 179 -17.16 -24.83 -26.05
CA THR C 179 -17.67 -26.13 -25.66
C THR C 179 -17.95 -26.19 -24.15
N ASN C 180 -17.79 -25.05 -23.48
CA ASN C 180 -18.08 -24.87 -22.04
C ASN C 180 -17.37 -25.85 -21.10
N ALA C 181 -16.22 -26.36 -21.55
CA ALA C 181 -15.32 -27.13 -20.70
C ALA C 181 -14.77 -26.21 -19.60
N VAL C 182 -14.53 -24.94 -20.00
CA VAL C 182 -14.17 -23.80 -19.17
C VAL C 182 -15.29 -22.75 -19.25
N ASP C 183 -15.58 -22.05 -18.14
CA ASP C 183 -16.80 -21.23 -18.00
C ASP C 183 -16.59 -19.72 -18.18
N GLY C 184 -15.34 -19.32 -18.17
CA GLY C 184 -15.00 -17.99 -18.54
C GLY C 184 -13.50 -17.88 -18.45
N GLN C 185 -12.98 -16.70 -18.76
CA GLN C 185 -11.54 -16.39 -18.63
C GLN C 185 -11.42 -14.94 -18.14
N GLU C 186 -10.20 -14.59 -17.82
CA GLU C 186 -9.87 -13.38 -17.11
C GLU C 186 -8.68 -12.77 -17.88
N ASN C 187 -8.69 -11.47 -18.13
CA ASN C 187 -7.72 -10.86 -19.07
C ASN C 187 -8.18 -9.42 -19.37
N PRO C 188 -7.29 -8.59 -19.92
CA PRO C 188 -7.70 -7.28 -20.47
C PRO C 188 -8.63 -7.36 -21.69
N LEU C 189 -9.41 -6.29 -21.92
CA LEU C 189 -10.35 -6.24 -23.08
C LEU C 189 -9.72 -6.41 -24.51
N ALA C 190 -8.54 -5.87 -24.72
CA ALA C 190 -7.81 -5.97 -26.00
C ALA C 190 -7.68 -7.46 -26.41
N ALA C 191 -7.38 -8.31 -25.43
CA ALA C 191 -7.27 -9.76 -25.59
C ALA C 191 -8.59 -10.48 -25.92
N VAL C 192 -9.70 -10.03 -25.36
CA VAL C 192 -11.01 -10.60 -25.65
C VAL C 192 -11.31 -10.48 -27.11
N GLN C 193 -10.99 -9.31 -27.67
CA GLN C 193 -11.06 -9.01 -29.11
C GLN C 193 -9.99 -9.77 -29.92
N ALA C 194 -8.71 -9.55 -29.58
CA ALA C 194 -7.58 -10.17 -30.28
C ALA C 194 -7.80 -11.67 -30.46
N GLN C 195 -8.47 -12.27 -29.49
CA GLN C 195 -8.67 -13.72 -29.44
C GLN C 195 -10.08 -14.14 -29.85
N LYS C 196 -10.90 -13.14 -30.21
CA LYS C 196 -12.32 -13.29 -30.55
C LYS C 196 -13.18 -14.00 -29.48
N PHE C 197 -12.89 -13.77 -28.20
CA PHE C 197 -13.55 -14.48 -27.10
C PHE C 197 -14.98 -14.03 -26.94
N TYR C 198 -15.30 -12.89 -27.52
CA TYR C 198 -16.67 -12.37 -27.57
C TYR C 198 -17.61 -13.31 -28.34
N GLU C 199 -17.02 -14.18 -29.15
CA GLU C 199 -17.80 -15.11 -29.99
C GLU C 199 -18.26 -16.29 -29.19
N VAL C 200 -17.54 -16.60 -28.11
CA VAL C 200 -17.73 -17.80 -27.30
C VAL C 200 -18.02 -17.49 -25.82
N GLN C 201 -18.29 -16.20 -25.54
CA GLN C 201 -18.59 -15.70 -24.17
C GLN C 201 -19.71 -14.68 -24.34
N LYS C 202 -20.82 -14.87 -23.62
CA LYS C 202 -21.98 -13.98 -23.73
C LYS C 202 -22.05 -12.96 -22.63
N PHE C 203 -21.09 -13.02 -21.70
CA PHE C 203 -21.03 -12.06 -20.55
C PHE C 203 -19.64 -11.48 -20.32
N LEU C 204 -19.59 -10.23 -19.86
CA LEU C 204 -18.37 -9.58 -19.40
C LEU C 204 -18.70 -8.78 -18.15
N ALA C 205 -17.99 -9.07 -17.05
CA ALA C 205 -18.13 -8.33 -15.77
C ALA C 205 -16.93 -7.41 -15.51
N MET C 206 -17.21 -6.20 -15.05
CA MET C 206 -16.16 -5.30 -14.65
C MET C 206 -15.81 -5.66 -13.20
N THR C 207 -14.96 -6.70 -13.10
CA THR C 207 -14.38 -7.19 -11.83
C THR C 207 -13.20 -6.28 -11.36
N ASN C 208 -12.66 -5.51 -12.30
CA ASN C 208 -11.62 -4.54 -12.06
C ASN C 208 -10.55 -5.01 -11.10
N HIS C 209 -10.13 -6.27 -11.28
CA HIS C 209 -9.36 -7.01 -10.25
C HIS C 209 -7.86 -6.78 -10.28
N ILE C 210 -7.32 -6.58 -11.47
CA ILE C 210 -5.91 -6.27 -11.64
C ILE C 210 -5.74 -5.22 -12.74
N LEU C 211 -4.92 -4.20 -12.44
CA LEU C 211 -4.72 -3.05 -13.26
C LEU C 211 -3.32 -3.06 -13.81
N ASN C 212 -3.21 -2.79 -15.10
CA ASN C 212 -1.91 -2.59 -15.70
C ASN C 212 -1.63 -1.08 -15.90
N ASP C 213 -0.35 -0.76 -15.69
CA ASP C 213 0.18 0.50 -16.04
C ASP C 213 1.39 0.30 -17.01
N GLN C 214 1.94 1.43 -17.43
CA GLN C 214 3.14 1.44 -18.24
C GLN C 214 3.96 2.70 -17.88
N LEU C 215 5.25 2.46 -17.65
CA LEU C 215 6.26 3.49 -17.34
C LEU C 215 7.19 3.73 -18.52
N TYR C 216 7.31 5.01 -18.87
CA TYR C 216 8.25 5.52 -19.87
C TYR C 216 9.67 5.62 -19.30
N LEU C 217 10.55 4.73 -19.74
CA LEU C 217 11.86 4.62 -19.08
C LEU C 217 12.96 5.15 -19.97
N VAL C 218 13.91 5.83 -19.34
CA VAL C 218 15.10 6.31 -20.01
C VAL C 218 16.35 5.67 -19.38
N SER C 219 17.31 5.32 -20.22
CA SER C 219 18.65 4.99 -19.74
C SER C 219 19.24 6.25 -19.07
N ASN C 220 19.70 6.11 -17.82
CA ASN C 220 20.37 7.16 -17.04
C ASN C 220 21.51 7.75 -17.83
N GLU C 221 22.18 6.91 -18.61
CA GLU C 221 23.37 7.31 -19.34
C GLU C 221 23.02 8.28 -20.41
N THR C 222 22.03 7.91 -21.21
CA THR C 222 21.44 8.75 -22.24
C THR C 222 20.95 10.10 -21.70
N TYR C 223 20.17 10.04 -20.63
CA TYR C 223 19.56 11.20 -20.00
C TYR C 223 20.55 12.14 -19.32
N LYS C 224 21.47 11.58 -18.53
CA LYS C 224 22.44 12.38 -17.76
C LYS C 224 23.42 13.18 -18.65
N GLU C 225 23.71 12.65 -19.84
CA GLU C 225 24.54 13.35 -20.83
C GLU C 225 23.79 14.31 -21.75
N LEU C 226 22.47 14.16 -21.87
CA LEU C 226 21.65 15.16 -22.55
C LEU C 226 21.86 16.49 -21.81
N PRO C 227 21.99 17.61 -22.55
CA PRO C 227 22.05 18.91 -21.90
C PRO C 227 20.80 19.11 -21.06
N GLU C 228 20.90 19.82 -19.94
CA GLU C 228 19.78 20.03 -19.00
C GLU C 228 18.42 20.40 -19.64
N ASP C 229 18.42 21.23 -20.69
CA ASP C 229 17.18 21.60 -21.36
C ASP C 229 16.63 20.49 -22.28
N LEU C 230 17.50 19.57 -22.72
CA LEU C 230 17.04 18.36 -23.39
C LEU C 230 16.46 17.36 -22.41
N GLN C 231 17.02 17.39 -21.20
CA GLN C 231 16.44 16.66 -20.07
C GLN C 231 15.05 17.21 -19.70
N LYS C 232 14.82 18.52 -19.85
CA LYS C 232 13.48 19.06 -19.57
C LYS C 232 12.48 18.88 -20.72
N VAL C 233 12.94 18.90 -21.97
CA VAL C 233 12.02 18.60 -23.09
C VAL C 233 11.63 17.14 -23.08
N VAL C 234 12.61 16.24 -22.94
CA VAL C 234 12.35 14.82 -23.10
C VAL C 234 11.46 14.30 -21.95
N LYS C 235 11.56 14.96 -20.79
CA LYS C 235 10.69 14.69 -19.65
C LYS C 235 9.27 15.15 -19.96
N ASP C 236 9.15 16.38 -20.44
CA ASP C 236 7.85 16.99 -20.81
C ASP C 236 7.14 16.23 -21.91
N ALA C 237 7.88 15.77 -22.90
CA ALA C 237 7.32 14.96 -23.98
C ALA C 237 6.78 13.62 -23.50
N ALA C 238 7.47 13.02 -22.54
CA ALA C 238 7.07 11.71 -21.99
C ALA C 238 5.83 11.84 -21.11
N GLU C 239 5.72 12.99 -20.42
CA GLU C 239 4.58 13.28 -19.57
C GLU C 239 3.32 13.47 -20.44
N ASN C 240 3.53 14.06 -21.61
CA ASN C 240 2.47 14.22 -22.59
C ASN C 240 2.02 12.92 -23.19
N ALA C 241 2.97 12.15 -23.72
CA ALA C 241 2.70 10.82 -24.24
C ALA C 241 1.96 9.95 -23.23
N ALA C 242 2.31 9.99 -21.96
CA ALA C 242 1.61 9.22 -20.94
C ALA C 242 0.14 9.59 -20.77
N LYS C 243 -0.22 10.85 -21.02
CA LYS C 243 -1.60 11.32 -20.91
C LYS C 243 -2.42 10.87 -22.12
N TYR C 244 -1.81 10.99 -23.29
CA TYR C 244 -2.33 10.40 -24.50
C TYR C 244 -2.37 8.87 -24.42
N HIS C 245 -1.25 8.24 -24.05
CA HIS C 245 -1.18 6.82 -23.79
C HIS C 245 -2.45 6.36 -23.03
N THR C 246 -2.68 7.02 -21.90
CA THR C 246 -3.82 6.82 -20.99
C THR C 246 -5.20 7.12 -21.58
N LYS C 247 -5.30 8.20 -22.35
CA LYS C 247 -6.53 8.48 -23.11
C LYS C 247 -6.79 7.28 -24.04
N LEU C 248 -5.79 6.90 -24.84
CA LEU C 248 -5.92 5.80 -25.77
C LEU C 248 -6.51 4.58 -25.11
N PHE C 249 -6.03 4.24 -23.92
CA PHE C 249 -6.53 3.06 -23.22
C PHE C 249 -7.95 3.22 -22.67
N VAL C 250 -8.19 4.33 -22.02
CA VAL C 250 -9.50 4.65 -21.46
C VAL C 250 -10.59 4.64 -22.50
N ASP C 251 -10.39 5.47 -23.52
CA ASP C 251 -11.26 5.56 -24.69
C ASP C 251 -11.39 4.26 -25.38
N GLY C 252 -10.27 3.56 -25.54
CA GLY C 252 -10.16 2.24 -26.19
C GLY C 252 -11.07 1.23 -25.60
N GLU C 253 -11.02 1.12 -24.28
CA GLU C 253 -11.84 0.21 -23.49
C GLU C 253 -13.34 0.45 -23.63
N LYS C 254 -13.77 1.72 -23.63
CA LYS C 254 -15.18 2.07 -23.84
C LYS C 254 -15.63 1.74 -25.27
N ASP C 255 -14.74 1.90 -26.23
CA ASP C 255 -15.03 1.51 -27.60
C ASP C 255 -15.12 -0.01 -27.66
N LEU C 256 -14.22 -0.69 -27.01
CA LEU C 256 -14.32 -2.15 -26.88
C LEU C 256 -15.60 -2.65 -26.21
N VAL C 257 -16.00 -2.06 -25.09
CA VAL C 257 -17.26 -2.42 -24.44
C VAL C 257 -18.45 -2.36 -25.44
N THR C 258 -18.46 -1.32 -26.26
CA THR C 258 -19.55 -1.02 -27.17
C THR C 258 -19.59 -2.03 -28.29
N PHE C 259 -18.38 -2.40 -28.72
CA PHE C 259 -18.17 -3.35 -29.78
C PHE C 259 -18.70 -4.71 -29.32
N PHE C 260 -18.31 -5.13 -28.12
CA PHE C 260 -18.71 -6.43 -27.62
C PHE C 260 -20.24 -6.55 -27.59
N GLU C 261 -20.87 -5.48 -27.09
CA GLU C 261 -22.32 -5.39 -27.03
C GLU C 261 -22.99 -5.45 -28.40
N LYS C 262 -22.33 -4.88 -29.40
CA LYS C 262 -22.76 -4.93 -30.79
C LYS C 262 -22.71 -6.36 -31.31
N GLN C 263 -21.72 -7.08 -30.82
CA GLN C 263 -21.51 -8.52 -31.04
C GLN C 263 -22.32 -9.48 -30.12
N GLY C 264 -23.22 -8.89 -29.31
CA GLY C 264 -24.21 -9.61 -28.57
C GLY C 264 -23.86 -9.95 -27.13
N VAL C 265 -22.79 -9.35 -26.61
CA VAL C 265 -22.27 -9.63 -25.25
C VAL C 265 -22.95 -8.70 -24.24
N LYS C 266 -23.16 -9.25 -23.05
CA LYS C 266 -23.89 -8.52 -22.02
C LYS C 266 -22.92 -8.19 -20.89
N ILE C 267 -22.81 -6.90 -20.55
CA ILE C 267 -21.91 -6.42 -19.51
C ILE C 267 -22.64 -6.21 -18.18
N THR C 268 -21.98 -6.63 -17.11
CA THR C 268 -22.41 -6.39 -15.75
C THR C 268 -21.36 -5.55 -14.96
N HIS C 269 -21.84 -5.03 -13.84
CA HIS C 269 -21.07 -4.18 -12.97
C HIS C 269 -21.43 -4.66 -11.58
N PRO C 270 -20.89 -5.84 -11.17
CA PRO C 270 -21.24 -6.37 -9.86
C PRO C 270 -20.56 -5.57 -8.74
N ASP C 271 -21.16 -5.60 -7.55
CA ASP C 271 -20.59 -4.99 -6.37
C ASP C 271 -19.25 -5.66 -6.07
N LEU C 272 -18.20 -4.83 -5.93
CA LEU C 272 -16.84 -5.34 -5.81
C LEU C 272 -16.30 -5.32 -4.37
N VAL C 273 -17.05 -4.68 -3.46
CA VAL C 273 -16.78 -4.74 -2.02
C VAL C 273 -16.56 -6.19 -1.50
N PRO C 274 -17.50 -7.12 -1.79
CA PRO C 274 -17.26 -8.54 -1.43
C PRO C 274 -16.01 -9.17 -2.03
N PHE C 275 -15.69 -8.79 -3.28
CA PHE C 275 -14.58 -9.32 -4.05
C PHE C 275 -13.23 -9.05 -3.40
N LYS C 276 -13.06 -7.82 -2.90
CA LYS C 276 -11.81 -7.33 -2.28
C LYS C 276 -11.67 -7.74 -0.82
N GLU C 277 -12.81 -7.99 -0.15
CA GLU C 277 -12.77 -8.46 1.22
C GLU C 277 -12.30 -9.93 1.23
N SER C 278 -12.56 -10.60 0.11
CA SER C 278 -12.33 -12.01 -0.03
C SER C 278 -10.86 -12.27 -0.31
N MET C 279 -10.14 -11.23 -0.71
CA MET C 279 -8.69 -11.29 -0.98
C MET C 279 -7.78 -11.23 0.24
N LYS C 280 -8.29 -10.71 1.37
CA LYS C 280 -7.53 -10.55 2.59
C LYS C 280 -6.65 -11.74 2.98
N PRO C 281 -7.16 -13.00 2.88
CA PRO C 281 -6.25 -14.10 3.22
C PRO C 281 -4.96 -14.11 2.33
N TYR C 282 -5.07 -13.64 1.10
CA TYR C 282 -3.93 -13.62 0.18
C TYR C 282 -2.93 -12.53 0.56
N TYR C 283 -3.44 -11.38 1.01
CA TYR C 283 -2.62 -10.26 1.36
C TYR C 283 -1.78 -10.59 2.58
N ALA C 284 -2.37 -11.33 3.51
CA ALA C 284 -1.68 -11.87 4.68
C ALA C 284 -0.53 -12.86 4.35
N GLU C 285 -0.78 -13.78 3.42
CA GLU C 285 0.25 -14.67 2.87
C GLU C 285 1.35 -13.94 2.12
N PHE C 286 0.93 -12.96 1.33
CA PHE C 286 1.84 -12.00 0.74
C PHE C 286 2.79 -11.36 1.76
N VAL C 287 2.24 -10.88 2.88
CA VAL C 287 3.00 -10.19 3.94
C VAL C 287 3.99 -11.16 4.66
N LYS C 288 3.54 -12.39 4.90
CA LYS C 288 4.41 -13.44 5.46
C LYS C 288 5.62 -13.75 4.53
N GLN C 289 5.40 -13.72 3.22
CA GLN C 289 6.38 -14.09 2.20
C GLN C 289 7.33 -12.94 1.85
N THR C 290 6.81 -11.72 1.88
CA THR C 290 7.65 -10.53 1.63
C THR C 290 8.24 -9.95 2.93
N GLY C 291 7.46 -10.04 4.00
CA GLY C 291 7.86 -9.47 5.25
C GLY C 291 7.63 -7.97 5.17
N GLN C 292 8.54 -7.21 5.73
CA GLN C 292 8.24 -5.84 6.10
C GLN C 292 7.82 -4.94 4.94
N LYS C 293 7.54 -5.53 3.79
CA LYS C 293 6.55 -4.95 2.87
C LYS C 293 5.10 -5.43 2.82
N GLY C 294 4.53 -5.67 3.99
CA GLY C 294 3.24 -5.13 4.31
C GLY C 294 3.22 -3.64 4.54
N GLU C 295 4.38 -3.02 4.70
CA GLU C 295 4.43 -1.59 4.81
C GLU C 295 3.80 -0.95 3.58
N SER C 296 4.21 -1.40 2.42
CA SER C 296 3.78 -0.81 1.18
C SER C 296 2.32 -1.13 0.86
N ALA C 297 1.84 -2.23 1.40
CA ALA C 297 0.47 -2.64 1.27
C ALA C 297 -0.32 -1.71 2.13
N LEU C 298 0.17 -1.47 3.35
CA LEU C 298 -0.50 -0.54 4.27
C LEU C 298 -0.50 0.92 3.78
N LYS C 299 0.52 1.32 3.04
CA LYS C 299 0.61 2.70 2.49
C LYS C 299 -0.44 3.05 1.43
N GLN C 300 -0.77 2.04 0.63
CA GLN C 300 -1.70 2.18 -0.46
C GLN C 300 -3.13 1.87 -0.08
N ILE C 301 -3.27 0.91 0.83
CA ILE C 301 -4.56 0.61 1.48
C ILE C 301 -5.06 1.91 2.12
N GLU C 302 -4.12 2.78 2.45
CA GLU C 302 -4.37 4.16 2.86
C GLU C 302 -4.62 5.08 1.69
N ALA C 303 -3.82 4.94 0.62
CA ALA C 303 -3.81 5.88 -0.55
C ALA C 303 -5.20 6.38 -0.98
N ILE C 304 -6.26 5.61 -0.70
CA ILE C 304 -7.61 6.18 -0.68
C ILE C 304 -8.44 5.74 0.54
N ASN C 305 -8.53 4.42 0.80
CA ASN C 305 -9.38 3.92 1.90
C ASN C 305 -8.79 4.23 3.29
N ALA D 1 -6.45 34.73 15.37
CA ALA D 1 -7.49 35.25 14.43
C ALA D 1 -8.83 35.47 15.18
N ASP D 2 -10.01 35.45 14.53
CA ASP D 2 -10.38 34.60 13.41
C ASP D 2 -11.15 35.26 12.26
N TYR D 3 -11.33 34.48 11.20
CA TYR D 3 -12.17 34.81 10.09
C TYR D 3 -13.31 33.80 10.10
N ASP D 4 -14.53 34.28 10.29
CA ASP D 4 -15.75 33.45 10.17
C ASP D 4 -16.39 33.71 8.79
N LEU D 5 -16.12 32.79 7.88
CA LEU D 5 -16.47 32.91 6.46
C LEU D 5 -17.60 31.94 6.13
N LYS D 6 -18.34 32.23 5.07
CA LYS D 6 -19.62 31.52 4.80
C LYS D 6 -19.63 30.99 3.39
N PHE D 7 -20.09 29.74 3.28
CA PHE D 7 -20.17 28.98 2.01
C PHE D 7 -21.63 28.60 1.66
N GLY D 8 -22.23 29.36 0.76
CA GLY D 8 -23.60 29.06 0.29
C GLY D 8 -23.68 28.05 -0.87
N MET D 9 -24.73 27.23 -0.87
CA MET D 9 -25.02 26.30 -1.98
C MET D 9 -26.49 25.94 -2.06
N ASN D 10 -26.97 25.80 -3.30
CA ASN D 10 -28.24 25.10 -3.60
C ASN D 10 -28.36 23.69 -3.07
N ALA D 11 -27.23 23.02 -2.93
CA ALA D 11 -27.21 21.61 -2.65
C ALA D 11 -27.52 21.35 -1.16
N GLY D 12 -28.14 20.21 -0.87
CA GLY D 12 -28.57 19.91 0.49
C GLY D 12 -27.51 19.20 1.28
N THR D 13 -27.80 18.98 2.55
CA THR D 13 -26.93 18.23 3.45
C THR D 13 -26.50 16.81 2.99
N SER D 14 -27.30 16.16 2.14
CA SER D 14 -27.03 14.78 1.74
C SER D 14 -26.25 14.69 0.40
N SER D 15 -25.92 15.84 -0.16
CA SER D 15 -25.29 15.88 -1.44
C SER D 15 -23.77 15.59 -1.33
N ASN D 16 -23.17 15.13 -2.44
CA ASN D 16 -21.71 15.12 -2.60
C ASN D 16 -21.03 16.52 -2.56
N GLU D 17 -21.70 17.51 -3.16
CA GLU D 17 -21.33 18.94 -3.01
C GLU D 17 -21.12 19.41 -1.56
N TYR D 18 -22.11 19.12 -0.72
CA TYR D 18 -22.05 19.45 0.71
C TYR D 18 -20.97 18.70 1.49
N LYS D 19 -20.74 17.45 1.16
CA LYS D 19 -19.74 16.62 1.80
C LYS D 19 -18.30 17.04 1.47
N ALA D 20 -18.14 17.54 0.24
CA ALA D 20 -16.89 18.16 -0.25
C ALA D 20 -16.61 19.54 0.36
N ALA D 21 -17.70 20.29 0.59
CA ALA D 21 -17.61 21.61 1.27
C ALA D 21 -17.31 21.40 2.79
N GLU D 22 -17.87 20.36 3.37
CA GLU D 22 -17.46 19.98 4.71
C GLU D 22 -15.97 19.76 4.78
N MET D 23 -15.42 19.10 3.75
CA MET D 23 -13.97 18.74 3.70
C MET D 23 -13.05 19.96 3.50
N PHE D 24 -13.45 20.83 2.55
CA PHE D 24 -12.94 22.18 2.39
C PHE D 24 -12.91 22.91 3.72
N ALA D 25 -14.04 22.89 4.41
CA ALA D 25 -14.15 23.63 5.66
C ALA D 25 -13.20 23.13 6.75
N LYS D 26 -13.08 21.81 6.82
CA LYS D 26 -12.28 21.11 7.82
C LYS D 26 -10.79 21.35 7.58
N GLU D 27 -10.42 21.39 6.29
CA GLU D 27 -9.03 21.59 5.84
C GLU D 27 -8.58 23.02 6.06
N VAL D 28 -9.49 23.98 5.89
CA VAL D 28 -9.19 25.40 6.04
C VAL D 28 -8.99 25.72 7.55
N LYS D 29 -9.78 25.07 8.39
CA LYS D 29 -9.65 25.19 9.83
C LYS D 29 -8.35 24.61 10.32
N GLU D 30 -8.07 23.39 9.86
CA GLU D 30 -6.91 22.61 10.27
C GLU D 30 -5.63 23.36 9.81
N LYS D 31 -5.54 23.60 8.51
CA LYS D 31 -4.33 24.17 7.89
C LYS D 31 -4.19 25.68 8.20
N SER D 32 -5.30 26.34 8.58
CA SER D 32 -5.20 27.68 9.07
C SER D 32 -4.95 27.76 10.58
N GLN D 33 -4.79 26.62 11.26
CA GLN D 33 -4.70 26.56 12.75
C GLN D 33 -5.91 27.17 13.47
N GLY D 34 -7.12 27.02 12.90
CA GLY D 34 -8.33 27.63 13.47
C GLY D 34 -8.50 29.14 13.37
N LYS D 35 -7.69 29.78 12.51
CA LYS D 35 -7.85 31.20 12.20
C LYS D 35 -9.09 31.39 11.33
N ILE D 36 -9.35 30.43 10.45
CA ILE D 36 -10.54 30.46 9.60
C ILE D 36 -11.44 29.26 9.85
N GLU D 37 -12.73 29.58 10.05
CA GLU D 37 -13.81 28.58 10.00
C GLU D 37 -14.81 29.03 8.95
N ILE D 38 -15.23 28.06 8.16
CA ILE D 38 -16.15 28.24 7.07
C ILE D 38 -17.48 27.61 7.50
N SER D 39 -18.52 28.42 7.59
CA SER D 39 -19.88 27.94 7.85
C SER D 39 -20.65 27.69 6.54
N LEU D 40 -21.36 26.56 6.50
CA LEU D 40 -22.05 26.13 5.28
C LEU D 40 -23.54 26.52 5.31
N TYR D 41 -24.04 26.96 4.14
CA TYR D 41 -25.45 27.36 3.95
C TYR D 41 -26.10 26.53 2.80
N PRO D 42 -26.55 25.28 3.11
CA PRO D 42 -27.13 24.41 2.11
C PRO D 42 -28.55 24.76 1.75
N SER D 43 -29.06 24.07 0.73
CA SER D 43 -30.47 24.12 0.32
C SER D 43 -30.99 25.53 -0.01
N SER D 44 -30.10 26.33 -0.60
CA SER D 44 -30.46 27.63 -1.09
C SER D 44 -31.03 28.54 0.01
N GLN D 45 -30.48 28.49 1.22
CA GLN D 45 -31.00 29.35 2.30
C GLN D 45 -30.88 30.84 1.98
N LEU D 46 -29.85 31.15 1.18
CA LEU D 46 -29.39 32.51 0.94
C LEU D 46 -29.84 32.95 -0.43
N GLY D 47 -30.66 32.11 -1.06
CA GLY D 47 -31.19 32.38 -2.38
C GLY D 47 -30.68 31.30 -3.29
N ASP D 48 -30.83 31.57 -4.58
CA ASP D 48 -30.34 30.67 -5.58
C ASP D 48 -28.89 31.05 -5.96
N ASP D 49 -28.39 30.38 -6.99
CA ASP D 49 -27.00 30.47 -7.35
C ASP D 49 -26.68 31.83 -8.04
N ARG D 50 -27.62 32.37 -8.78
CA ARG D 50 -27.50 33.71 -9.31
C ARG D 50 -27.42 34.70 -8.14
N ALA D 51 -28.35 34.59 -7.18
CA ALA D 51 -28.30 35.37 -5.93
C ALA D 51 -26.96 35.31 -5.17
N MET D 52 -26.59 34.11 -4.71
CA MET D 52 -25.32 33.87 -3.99
C MET D 52 -24.08 34.40 -4.74
N LEU D 53 -24.17 34.48 -6.06
CA LEU D 53 -23.09 35.06 -6.91
C LEU D 53 -23.00 36.58 -6.83
N LYS D 54 -24.15 37.26 -6.70
CA LYS D 54 -24.18 38.71 -6.49
C LYS D 54 -23.71 39.05 -5.09
N GLN D 55 -23.97 38.16 -4.13
CA GLN D 55 -23.50 38.32 -2.74
C GLN D 55 -21.97 38.25 -2.61
N LEU D 56 -21.31 37.49 -3.47
CA LEU D 56 -19.84 37.39 -3.42
C LEU D 56 -19.32 38.68 -3.95
N LYS D 57 -19.95 39.18 -5.01
CA LYS D 57 -19.51 40.43 -5.60
C LYS D 57 -19.64 41.55 -4.58
N ASP D 58 -20.80 41.66 -3.93
CA ASP D 58 -20.98 42.68 -2.90
C ASP D 58 -20.25 42.43 -1.58
N GLY D 59 -19.56 41.30 -1.47
CA GLY D 59 -18.82 40.88 -0.26
C GLY D 59 -19.56 40.20 0.90
N SER D 60 -20.85 39.91 0.73
CA SER D 60 -21.69 39.43 1.86
C SER D 60 -21.75 37.89 1.93
N LEU D 61 -21.21 37.23 0.92
CA LEU D 61 -21.04 35.80 1.00
C LEU D 61 -19.63 35.53 0.53
N ASP D 62 -18.93 34.62 1.19
CA ASP D 62 -17.52 34.38 0.88
C ASP D 62 -17.30 33.36 -0.23
N PHE D 63 -18.01 32.25 -0.13
CA PHE D 63 -17.91 31.15 -1.08
C PHE D 63 -19.26 30.78 -1.60
N THR D 64 -19.28 30.34 -2.87
CA THR D 64 -20.39 29.56 -3.40
C THR D 64 -19.96 28.64 -4.55
N PHE D 65 -20.94 27.87 -5.03
CA PHE D 65 -20.82 26.99 -6.21
C PHE D 65 -21.43 27.63 -7.46
N ALA D 66 -20.68 27.58 -8.56
CA ALA D 66 -21.26 27.68 -9.92
C ALA D 66 -20.90 26.47 -10.82
N GLU D 67 -21.72 26.27 -11.84
CA GLU D 67 -21.36 25.45 -13.02
C GLU D 67 -20.96 26.41 -14.17
N SER D 68 -20.03 25.95 -14.99
CA SER D 68 -19.39 26.83 -15.99
C SER D 68 -20.42 27.30 -17.04
N ALA D 69 -21.35 26.42 -17.42
CA ALA D 69 -22.47 26.70 -18.34
C ALA D 69 -23.39 27.81 -17.85
N ARG D 70 -23.54 27.90 -16.54
CA ARG D 70 -24.48 28.87 -15.97
C ARG D 70 -24.00 30.30 -16.26
N PHE D 71 -22.71 30.46 -16.62
CA PHE D 71 -22.16 31.75 -17.05
C PHE D 71 -22.56 32.20 -18.47
N GLN D 72 -23.45 31.47 -19.12
CA GLN D 72 -24.07 31.95 -20.36
C GLN D 72 -25.01 33.13 -20.16
N LEU D 73 -25.49 33.34 -18.93
CA LEU D 73 -26.36 34.47 -18.61
C LEU D 73 -25.62 35.77 -18.91
N PHE D 74 -24.32 35.79 -18.61
CA PHE D 74 -23.47 36.94 -18.83
C PHE D 74 -22.78 36.85 -20.19
N TYR D 75 -22.23 35.67 -20.48
CA TYR D 75 -21.44 35.44 -21.69
C TYR D 75 -21.99 34.27 -22.52
N PRO D 76 -22.93 34.56 -23.48
CA PRO D 76 -23.77 33.56 -24.12
C PRO D 76 -23.02 32.38 -24.71
N GLU D 77 -21.77 32.64 -25.11
CA GLU D 77 -20.81 31.62 -25.59
C GLU D 77 -20.39 30.57 -24.55
N ALA D 78 -20.61 30.86 -23.27
CA ALA D 78 -20.27 29.89 -22.23
C ALA D 78 -21.30 28.76 -22.14
N ALA D 79 -22.38 28.87 -22.91
CA ALA D 79 -23.31 27.77 -23.18
C ALA D 79 -22.65 26.53 -23.75
N VAL D 80 -21.47 26.71 -24.29
CA VAL D 80 -20.66 25.70 -24.98
C VAL D 80 -20.35 24.49 -24.13
N PHE D 81 -20.33 24.69 -22.83
CA PHE D 81 -20.09 23.63 -21.84
C PHE D 81 -21.26 22.66 -21.71
N ALA D 82 -22.39 23.10 -22.22
CA ALA D 82 -23.64 22.40 -22.05
C ALA D 82 -24.21 21.95 -23.39
N LEU D 83 -23.51 22.26 -24.48
CA LEU D 83 -23.99 21.77 -25.78
C LEU D 83 -23.86 20.26 -25.78
N PRO D 84 -24.90 19.56 -26.25
CA PRO D 84 -24.81 18.12 -26.19
C PRO D 84 -23.61 17.58 -26.97
N TYR D 85 -22.80 16.77 -26.31
CA TYR D 85 -21.66 16.03 -26.89
C TYR D 85 -20.40 16.83 -27.11
N VAL D 86 -20.42 18.11 -26.76
CA VAL D 86 -19.26 18.96 -27.05
C VAL D 86 -18.15 18.69 -26.00
N ILE D 87 -18.55 18.67 -24.74
CA ILE D 87 -17.76 18.22 -23.60
C ILE D 87 -17.92 16.71 -23.44
N SER D 88 -17.04 16.00 -24.12
CA SER D 88 -17.11 14.56 -24.21
C SER D 88 -16.97 13.92 -22.82
N ASN D 89 -16.09 14.48 -21.99
CA ASN D 89 -15.85 13.91 -20.66
C ASN D 89 -15.19 14.92 -19.75
N TYR D 90 -15.10 14.60 -18.44
CA TYR D 90 -14.53 15.51 -17.46
C TYR D 90 -13.16 16.08 -17.87
N ASN D 91 -12.25 15.26 -18.38
CA ASN D 91 -10.97 15.81 -18.88
C ASN D 91 -11.17 16.94 -19.89
N VAL D 92 -12.04 16.74 -20.86
CA VAL D 92 -12.38 17.79 -21.80
C VAL D 92 -12.83 19.07 -21.04
N ALA D 93 -13.77 18.92 -20.12
CA ALA D 93 -14.27 20.02 -19.31
C ALA D 93 -13.18 20.81 -18.57
N GLN D 94 -12.24 20.10 -17.96
CA GLN D 94 -11.10 20.71 -17.27
C GLN D 94 -10.23 21.56 -18.20
N LYS D 95 -10.00 21.04 -19.40
CA LYS D 95 -9.11 21.66 -20.37
C LYS D 95 -9.81 22.76 -21.10
N ALA D 96 -11.10 22.64 -21.33
CA ALA D 96 -11.92 23.74 -21.85
C ALA D 96 -11.80 25.04 -21.01
N LEU D 97 -11.94 24.88 -19.69
CA LEU D 97 -11.90 26.01 -18.75
C LEU D 97 -10.47 26.55 -18.57
N PHE D 98 -9.53 25.63 -18.35
CA PHE D 98 -8.21 26.02 -17.88
C PHE D 98 -7.15 26.14 -18.98
N ASP D 99 -7.26 25.31 -20.00
CA ASP D 99 -6.23 25.22 -20.99
C ASP D 99 -6.62 25.88 -22.33
N THR D 100 -7.68 26.68 -22.35
CA THR D 100 -8.10 27.41 -23.57
C THR D 100 -8.07 28.92 -23.33
N GLU D 101 -7.82 29.69 -24.39
CA GLU D 101 -7.85 31.15 -24.30
C GLU D 101 -9.26 31.67 -23.88
N PHE D 102 -10.29 30.99 -24.36
CA PHE D 102 -11.68 31.25 -24.01
C PHE D 102 -12.04 31.07 -22.53
N GLY D 103 -11.53 30.00 -21.94
CA GLY D 103 -11.82 29.63 -20.55
C GLY D 103 -11.00 30.48 -19.62
N LYS D 104 -9.72 30.62 -19.95
CA LYS D 104 -8.82 31.57 -19.28
C LYS D 104 -9.44 32.97 -19.28
N ASP D 105 -10.05 33.34 -20.42
CA ASP D 105 -10.67 34.66 -20.57
C ASP D 105 -11.96 34.80 -19.78
N LEU D 106 -12.68 33.72 -19.61
CA LEU D 106 -13.92 33.70 -18.84
C LEU D 106 -13.66 33.78 -17.33
N ILE D 107 -12.55 33.17 -16.90
CA ILE D 107 -12.06 33.29 -15.53
C ILE D 107 -11.62 34.75 -15.25
N LYS D 108 -11.06 35.41 -16.25
CA LYS D 108 -10.64 36.84 -16.08
C LYS D 108 -11.84 37.76 -15.90
N LYS D 109 -12.95 37.40 -16.56
CA LYS D 109 -14.20 38.13 -16.53
C LYS D 109 -14.97 37.89 -15.24
N MET D 110 -15.08 36.62 -14.83
CA MET D 110 -15.51 36.30 -13.46
C MET D 110 -14.81 37.20 -12.43
N ASP D 111 -13.52 37.46 -12.63
CA ASP D 111 -12.76 38.33 -11.74
C ASP D 111 -13.08 39.84 -11.93
N LYS D 112 -12.80 40.41 -13.10
CA LYS D 112 -13.01 41.83 -13.40
C LYS D 112 -14.49 42.22 -13.37
N ASP D 113 -15.36 41.36 -13.91
CA ASP D 113 -16.75 41.74 -14.12
C ASP D 113 -17.65 41.37 -12.95
N LEU D 114 -17.38 40.20 -12.34
CA LEU D 114 -18.31 39.66 -11.39
C LEU D 114 -17.80 39.59 -9.98
N GLY D 115 -16.56 40.02 -9.77
CA GLY D 115 -15.98 40.15 -8.43
C GLY D 115 -15.65 38.86 -7.73
N VAL D 116 -15.38 37.81 -8.50
CA VAL D 116 -15.18 36.48 -7.94
C VAL D 116 -13.93 35.80 -8.51
N THR D 117 -13.21 35.11 -7.62
CA THR D 117 -12.04 34.29 -7.94
C THR D 117 -12.33 32.80 -7.95
N LEU D 118 -11.93 32.13 -9.02
CA LEU D 118 -12.16 30.72 -9.19
C LEU D 118 -11.01 29.99 -8.52
N LEU D 119 -11.30 29.06 -7.65
CA LEU D 119 -10.26 28.39 -6.90
C LEU D 119 -9.98 26.99 -7.48
N SER D 120 -11.06 26.30 -7.82
CA SER D 120 -11.01 24.94 -8.28
C SER D 120 -12.29 24.62 -9.07
N GLN D 121 -12.19 23.56 -9.86
CA GLN D 121 -13.29 22.99 -10.58
C GLN D 121 -13.40 21.52 -10.14
N ALA D 122 -14.65 21.05 -10.09
CA ALA D 122 -14.97 19.66 -9.76
C ALA D 122 -15.89 19.09 -10.80
N TYR D 123 -15.78 17.77 -10.97
CA TYR D 123 -16.82 16.98 -11.64
C TYR D 123 -18.09 16.82 -10.80
N ASN D 124 -19.24 17.07 -11.41
CA ASN D 124 -20.55 17.02 -10.74
C ASN D 124 -21.57 16.13 -11.53
N GLY D 125 -21.10 15.07 -12.13
CA GLY D 125 -22.02 14.11 -12.79
C GLY D 125 -22.33 14.32 -14.26
N THR D 126 -22.69 13.23 -14.93
CA THR D 126 -23.12 13.20 -16.32
C THR D 126 -24.56 12.70 -16.46
N ARG D 127 -25.33 13.39 -17.31
CA ARG D 127 -26.70 13.00 -17.69
C ARG D 127 -26.73 11.81 -18.64
N GLN D 128 -27.64 10.90 -18.34
CA GLN D 128 -27.81 9.62 -19.02
C GLN D 128 -29.30 9.43 -19.39
N THR D 129 -29.58 8.40 -20.16
CA THR D 129 -30.92 8.20 -20.73
C THR D 129 -31.51 6.83 -20.31
N THR D 130 -32.72 6.90 -19.76
CA THR D 130 -33.45 5.72 -19.33
C THR D 130 -34.56 5.47 -20.34
N SER D 131 -34.96 4.22 -20.45
CA SER D 131 -36.01 3.86 -21.39
C SER D 131 -36.79 2.57 -21.01
N ASN D 132 -37.94 2.40 -21.64
CA ASN D 132 -38.75 1.22 -21.50
C ASN D 132 -38.42 0.18 -22.60
N ARG D 133 -37.45 0.51 -23.46
CA ARG D 133 -36.83 -0.45 -24.35
C ARG D 133 -35.32 -0.13 -24.44
N ALA D 134 -34.53 -1.10 -24.90
CA ALA D 134 -33.08 -0.89 -24.98
C ALA D 134 -32.69 0.12 -26.07
N ILE D 135 -31.74 0.97 -25.69
CA ILE D 135 -31.01 1.83 -26.63
C ILE D 135 -29.64 1.22 -26.83
N ASN D 136 -29.56 0.35 -27.84
CA ASN D 136 -28.33 -0.24 -28.33
C ASN D 136 -27.60 0.64 -29.33
N SER D 137 -28.34 1.57 -29.95
CA SER D 137 -27.78 2.49 -30.97
C SER D 137 -28.73 3.66 -31.25
N ILE D 138 -28.27 4.59 -32.08
CA ILE D 138 -29.02 5.81 -32.32
C ILE D 138 -30.31 5.58 -33.15
N ALA D 139 -30.42 4.43 -33.84
CA ALA D 139 -31.68 4.01 -34.50
C ALA D 139 -32.76 3.79 -33.48
N ASP D 140 -32.35 3.42 -32.27
CA ASP D 140 -33.28 3.12 -31.17
C ASP D 140 -33.95 4.38 -30.61
N MET D 141 -33.28 5.51 -30.76
CA MET D 141 -33.81 6.84 -30.38
C MET D 141 -35.04 7.30 -31.19
N LYS D 142 -35.17 6.81 -32.43
CA LYS D 142 -36.32 7.06 -33.27
C LYS D 142 -37.60 6.62 -32.56
N GLY D 143 -38.64 7.45 -32.69
CA GLY D 143 -39.92 7.25 -32.02
C GLY D 143 -39.94 7.35 -30.49
N LEU D 144 -38.77 7.45 -29.85
CA LEU D 144 -38.68 7.43 -28.39
C LEU D 144 -39.16 8.71 -27.74
N LYS D 145 -40.28 8.62 -27.03
CA LYS D 145 -40.87 9.77 -26.35
C LYS D 145 -40.03 10.06 -25.13
N LEU D 146 -39.22 11.09 -25.27
CA LEU D 146 -38.14 11.38 -24.32
C LEU D 146 -38.42 12.62 -23.47
N ARG D 147 -38.64 12.45 -22.14
CA ARG D 147 -38.91 13.62 -21.26
C ARG D 147 -37.64 14.41 -20.91
N VAL D 148 -37.71 15.69 -21.24
CA VAL D 148 -36.63 16.60 -21.01
C VAL D 148 -37.12 17.79 -20.19
N PRO D 149 -36.20 18.48 -19.50
CA PRO D 149 -36.48 19.75 -18.90
C PRO D 149 -36.78 20.88 -19.86
N ASN D 150 -37.26 22.00 -19.27
CA ASN D 150 -37.53 23.27 -19.97
C ASN D 150 -36.21 24.00 -20.19
N ALA D 151 -35.46 23.52 -21.16
CA ALA D 151 -34.12 24.02 -21.40
C ALA D 151 -33.67 23.60 -22.79
N ALA D 152 -33.23 24.57 -23.59
CA ALA D 152 -33.02 24.35 -25.03
C ALA D 152 -32.02 23.24 -25.40
N THR D 153 -31.00 23.08 -24.59
CA THR D 153 -29.87 22.24 -24.93
C THR D 153 -30.37 20.78 -24.75
N ASN D 154 -31.25 20.61 -23.79
CA ASN D 154 -31.85 19.30 -23.53
C ASN D 154 -32.83 18.85 -24.63
N LEU D 155 -33.63 19.81 -25.09
CA LEU D 155 -34.52 19.68 -26.23
C LEU D 155 -33.76 19.37 -27.53
N ALA D 156 -32.69 20.12 -27.77
CA ALA D 156 -31.80 19.93 -28.91
C ALA D 156 -31.14 18.56 -28.91
N TYR D 157 -30.80 18.04 -27.72
CA TYR D 157 -30.35 16.65 -27.58
C TYR D 157 -31.44 15.66 -28.08
N ALA D 158 -32.59 15.58 -27.39
CA ALA D 158 -33.74 14.79 -27.80
C ALA D 158 -34.03 14.88 -29.30
N LYS D 159 -34.08 16.10 -29.81
CA LYS D 159 -34.48 16.36 -31.16
C LYS D 159 -33.46 15.82 -32.13
N TYR D 160 -32.21 16.28 -32.05
CA TYR D 160 -31.21 16.02 -33.14
C TYR D 160 -30.79 14.55 -33.22
N VAL D 161 -30.66 13.95 -32.04
CA VAL D 161 -30.59 12.46 -31.83
C VAL D 161 -31.74 11.62 -32.50
N GLY D 162 -32.87 12.28 -32.79
CA GLY D 162 -34.00 11.66 -33.53
C GLY D 162 -35.15 11.20 -32.64
N ALA D 163 -35.08 11.57 -31.36
CA ALA D 163 -36.07 11.19 -30.38
C ALA D 163 -37.26 12.13 -30.45
N SER D 164 -38.24 11.91 -29.58
CA SER D 164 -39.43 12.78 -29.54
C SER D 164 -39.55 13.48 -28.19
N PRO D 165 -39.10 14.75 -28.14
CA PRO D 165 -39.05 15.51 -26.90
C PRO D 165 -40.43 15.68 -26.22
N THR D 166 -40.56 15.33 -24.94
CA THR D 166 -41.83 15.54 -24.25
C THR D 166 -41.65 16.37 -22.97
N PRO D 167 -42.30 17.55 -22.91
CA PRO D 167 -42.29 18.30 -21.70
C PRO D 167 -43.19 17.62 -20.66
N MET D 168 -42.83 17.76 -19.40
CA MET D 168 -43.67 17.28 -18.32
C MET D 168 -43.12 17.77 -16.98
N ALA D 169 -44.02 18.24 -16.11
CA ALA D 169 -43.70 18.53 -14.72
C ALA D 169 -43.08 17.31 -14.03
N PHE D 170 -41.92 17.53 -13.40
CA PHE D 170 -41.10 16.43 -12.80
C PHE D 170 -41.89 15.45 -11.90
N SER D 171 -42.73 16.03 -11.03
CA SER D 171 -43.66 15.29 -10.15
C SER D 171 -44.47 14.16 -10.83
N GLU D 172 -44.73 14.29 -12.13
CA GLU D 172 -45.61 13.36 -12.82
C GLU D 172 -44.93 12.52 -13.93
N VAL D 173 -43.60 12.55 -13.96
CA VAL D 173 -42.84 11.68 -14.86
C VAL D 173 -42.85 10.18 -14.46
N TYR D 174 -42.92 9.90 -13.16
CA TYR D 174 -42.86 8.53 -12.68
C TYR D 174 -44.02 7.76 -13.29
N LEU D 175 -45.25 8.22 -12.98
CA LEU D 175 -46.52 7.64 -13.43
C LEU D 175 -46.65 7.62 -14.95
N ALA D 176 -46.04 8.62 -15.57
CA ALA D 176 -46.12 8.77 -17.01
C ALA D 176 -45.24 7.72 -17.61
N LEU D 177 -44.05 7.56 -17.06
CA LEU D 177 -43.15 6.45 -17.45
C LEU D 177 -43.72 5.08 -17.09
N GLN D 178 -44.43 4.99 -15.96
CA GLN D 178 -45.12 3.75 -15.53
C GLN D 178 -46.27 3.34 -16.47
N THR D 179 -47.00 4.31 -17.00
CA THR D 179 -48.08 4.02 -17.93
C THR D 179 -47.61 3.87 -19.41
N ASN D 180 -46.34 4.13 -19.68
CA ASN D 180 -45.82 4.26 -21.06
C ASN D 180 -46.44 5.45 -21.83
N ALA D 181 -46.84 6.50 -21.10
CA ALA D 181 -47.24 7.76 -21.71
C ALA D 181 -46.00 8.42 -22.28
N VAL D 182 -44.90 8.32 -21.52
CA VAL D 182 -43.57 8.70 -21.96
C VAL D 182 -42.72 7.47 -21.91
N ASP D 183 -41.71 7.44 -22.75
CA ASP D 183 -40.86 6.24 -22.95
C ASP D 183 -39.62 6.24 -22.14
N GLY D 184 -38.96 7.37 -22.10
CA GLY D 184 -37.78 7.54 -21.27
C GLY D 184 -37.65 8.95 -20.75
N GLN D 185 -36.54 9.20 -20.04
CA GLN D 185 -36.18 10.55 -19.63
C GLN D 185 -34.67 10.73 -19.62
N GLU D 186 -34.22 11.88 -19.12
CA GLU D 186 -32.87 12.35 -19.38
C GLU D 186 -32.39 13.29 -18.28
N ASN D 187 -31.28 12.93 -17.65
CA ASN D 187 -31.08 13.21 -16.23
C ASN D 187 -29.86 12.50 -15.66
N PRO D 188 -29.30 13.04 -14.58
CA PRO D 188 -28.24 12.35 -13.83
C PRO D 188 -28.71 11.05 -13.14
N LEU D 189 -27.79 10.14 -12.83
CA LEU D 189 -28.13 8.88 -12.15
C LEU D 189 -28.61 9.09 -10.68
N ALA D 190 -28.10 10.15 -10.09
CA ALA D 190 -28.59 10.63 -8.82
C ALA D 190 -30.12 10.86 -8.82
N ALA D 191 -30.66 11.49 -9.88
CA ALA D 191 -32.11 11.67 -10.05
C ALA D 191 -32.92 10.41 -10.40
N VAL D 192 -32.31 9.47 -11.08
CA VAL D 192 -32.95 8.19 -11.41
C VAL D 192 -33.20 7.36 -10.14
N GLN D 193 -32.34 7.55 -9.15
CA GLN D 193 -32.48 6.87 -7.84
C GLN D 193 -33.44 7.61 -6.91
N ALA D 194 -33.20 8.92 -6.77
CA ALA D 194 -34.10 9.79 -6.05
C ALA D 194 -35.58 9.62 -6.43
N GLN D 195 -35.88 9.64 -7.72
CA GLN D 195 -37.28 9.58 -8.21
C GLN D 195 -37.84 8.16 -8.42
N LYS D 196 -37.07 7.16 -7.96
CA LYS D 196 -37.29 5.72 -8.19
C LYS D 196 -37.68 5.30 -9.59
N PHE D 197 -37.11 6.01 -10.56
CA PHE D 197 -37.31 5.74 -11.96
C PHE D 197 -36.76 4.38 -12.36
N TYR D 198 -35.96 3.76 -11.51
CA TYR D 198 -35.47 2.39 -11.76
C TYR D 198 -36.58 1.32 -11.57
N GLU D 199 -37.65 1.70 -10.87
CA GLU D 199 -38.84 0.86 -10.75
C GLU D 199 -39.70 0.91 -12.01
N VAL D 200 -39.72 2.04 -12.71
CA VAL D 200 -40.57 2.17 -13.92
C VAL D 200 -39.77 2.32 -15.25
N GLN D 201 -38.49 1.96 -15.20
CA GLN D 201 -37.64 1.95 -16.37
C GLN D 201 -36.64 0.81 -16.17
N LYS D 202 -36.61 -0.15 -17.10
CA LYS D 202 -35.63 -1.26 -16.93
C LYS D 202 -34.43 -1.24 -17.85
N PHE D 203 -34.27 -0.15 -18.60
CA PHE D 203 -33.09 0.11 -19.44
C PHE D 203 -32.43 1.45 -19.10
N LEU D 204 -31.11 1.46 -19.10
CA LEU D 204 -30.28 2.66 -18.86
C LEU D 204 -29.13 2.62 -19.84
N ALA D 205 -28.98 3.71 -20.62
CA ALA D 205 -27.93 3.90 -21.65
C ALA D 205 -26.93 5.00 -21.38
N MET D 206 -25.66 4.63 -21.47
CA MET D 206 -24.55 5.55 -21.19
C MET D 206 -24.33 6.38 -22.43
N THR D 207 -25.19 7.39 -22.55
CA THR D 207 -25.19 8.33 -23.67
C THR D 207 -24.32 9.58 -23.43
N ASN D 208 -23.88 9.84 -22.20
CA ASN D 208 -22.84 10.86 -21.91
C ASN D 208 -23.01 12.15 -22.73
N HIS D 209 -24.22 12.68 -22.79
CA HIS D 209 -24.52 13.71 -23.77
C HIS D 209 -24.36 15.11 -23.23
N ILE D 210 -24.59 15.27 -21.92
CA ILE D 210 -24.33 16.52 -21.21
C ILE D 210 -23.67 16.18 -19.88
N LEU D 211 -22.73 17.04 -19.50
CA LEU D 211 -21.85 16.82 -18.38
C LEU D 211 -21.87 18.08 -17.52
N ASN D 212 -22.12 17.89 -16.21
CA ASN D 212 -22.09 18.95 -15.22
C ASN D 212 -20.74 19.05 -14.48
N ASP D 213 -20.36 20.28 -14.13
CA ASP D 213 -19.21 20.53 -13.28
C ASP D 213 -19.66 21.42 -12.13
N GLN D 214 -18.71 21.79 -11.27
CA GLN D 214 -18.96 22.70 -10.19
C GLN D 214 -17.68 23.48 -9.87
N LEU D 215 -17.83 24.79 -9.71
CA LEU D 215 -16.69 25.70 -9.50
C LEU D 215 -16.70 26.24 -8.05
N TYR D 216 -15.53 26.18 -7.38
CA TYR D 216 -15.35 26.71 -6.03
C TYR D 216 -14.90 28.14 -6.20
N LEU D 217 -15.80 29.05 -5.86
CA LEU D 217 -15.62 30.46 -6.08
C LEU D 217 -15.50 31.13 -4.75
N VAL D 218 -14.64 32.16 -4.70
CA VAL D 218 -14.52 33.04 -3.55
C VAL D 218 -14.76 34.53 -3.99
N SER D 219 -15.36 35.31 -3.08
CA SER D 219 -15.33 36.73 -3.19
C SER D 219 -13.87 37.30 -3.26
N ASN D 220 -13.67 38.25 -4.18
CA ASN D 220 -12.42 38.97 -4.30
C ASN D 220 -12.24 39.73 -2.99
N GLU D 221 -13.28 40.47 -2.59
CA GLU D 221 -13.35 41.20 -1.31
C GLU D 221 -12.74 40.36 -0.20
N THR D 222 -13.35 39.20 0.04
CA THR D 222 -12.88 38.26 1.07
C THR D 222 -11.40 37.77 0.93
N TYR D 223 -11.09 37.29 -0.26
CA TYR D 223 -9.83 36.61 -0.55
C TYR D 223 -8.64 37.55 -0.67
N LYS D 224 -8.84 38.69 -1.34
CA LYS D 224 -7.75 39.64 -1.57
C LYS D 224 -7.34 40.36 -0.27
N GLU D 225 -8.29 40.47 0.66
CA GLU D 225 -8.07 41.02 1.99
C GLU D 225 -7.33 40.05 2.97
N LEU D 226 -7.12 38.79 2.54
CA LEU D 226 -6.44 37.77 3.33
C LEU D 226 -4.91 37.83 3.13
N PRO D 227 -4.14 37.60 4.21
CA PRO D 227 -2.70 37.47 4.00
C PRO D 227 -2.38 36.36 3.01
N GLU D 228 -1.36 36.57 2.18
CA GLU D 228 -0.84 35.59 1.22
C GLU D 228 -0.92 34.09 1.66
N ASP D 229 -0.48 33.80 2.86
CA ASP D 229 -0.43 32.40 3.33
C ASP D 229 -1.81 31.78 3.68
N LEU D 230 -2.74 32.61 4.12
CA LEU D 230 -4.13 32.18 4.36
C LEU D 230 -4.88 32.08 3.02
N GLN D 231 -4.56 33.00 2.11
CA GLN D 231 -4.91 32.86 0.68
C GLN D 231 -4.52 31.50 0.08
N LYS D 232 -3.31 31.06 0.41
CA LYS D 232 -2.78 29.79 -0.04
C LYS D 232 -3.45 28.58 0.62
N VAL D 233 -3.74 28.63 1.92
CA VAL D 233 -4.46 27.50 2.56
C VAL D 233 -5.84 27.28 1.94
N VAL D 234 -6.54 28.38 1.68
CA VAL D 234 -7.83 28.37 1.00
C VAL D 234 -7.73 27.90 -0.47
N LYS D 235 -6.70 28.30 -1.21
CA LYS D 235 -6.55 27.71 -2.55
C LYS D 235 -6.25 26.21 -2.50
N ASP D 236 -5.35 25.75 -1.65
CA ASP D 236 -5.02 24.30 -1.59
C ASP D 236 -6.21 23.44 -1.16
N ALA D 237 -7.02 23.94 -0.23
CA ALA D 237 -8.19 23.22 0.25
C ALA D 237 -9.29 23.11 -0.81
N ALA D 238 -9.50 24.22 -1.52
CA ALA D 238 -10.36 24.28 -2.70
C ALA D 238 -10.04 23.23 -3.75
N GLU D 239 -8.75 23.08 -4.02
CA GLU D 239 -8.26 22.17 -5.02
C GLU D 239 -8.40 20.73 -4.58
N ASN D 240 -8.07 20.48 -3.31
CA ASN D 240 -8.15 19.16 -2.70
C ASN D 240 -9.56 18.69 -2.55
N ALA D 241 -10.41 19.64 -2.19
CA ALA D 241 -11.84 19.36 -1.97
C ALA D 241 -12.48 19.06 -3.30
N ALA D 242 -12.13 19.83 -4.34
CA ALA D 242 -12.54 19.58 -5.72
C ALA D 242 -12.19 18.18 -6.25
N LYS D 243 -10.96 17.74 -6.02
CA LYS D 243 -10.57 16.34 -6.32
C LYS D 243 -11.39 15.25 -5.65
N TYR D 244 -11.64 15.39 -4.34
CA TYR D 244 -12.53 14.55 -3.57
C TYR D 244 -13.98 14.53 -4.07
N HIS D 245 -14.43 15.70 -4.51
CA HIS D 245 -15.78 15.96 -5.03
C HIS D 245 -15.89 15.27 -6.39
N THR D 246 -14.93 15.47 -7.27
CA THR D 246 -14.84 14.63 -8.45
C THR D 246 -14.94 13.15 -8.05
N LYS D 247 -14.11 12.71 -7.12
CA LYS D 247 -14.19 11.33 -6.59
C LYS D 247 -15.60 10.88 -6.11
N LEU D 248 -16.28 11.74 -5.37
CA LEU D 248 -17.61 11.40 -4.85
C LEU D 248 -18.59 11.10 -5.99
N PHE D 249 -18.45 11.78 -7.13
CA PHE D 249 -19.40 11.61 -8.23
C PHE D 249 -19.04 10.40 -9.09
N VAL D 250 -17.76 10.30 -9.43
CA VAL D 250 -17.23 9.16 -10.21
C VAL D 250 -17.58 7.82 -9.51
N ASP D 251 -17.30 7.79 -8.21
CA ASP D 251 -17.55 6.65 -7.35
C ASP D 251 -19.01 6.38 -7.17
N GLY D 252 -19.78 7.47 -6.97
CA GLY D 252 -21.23 7.41 -6.91
C GLY D 252 -21.90 6.78 -8.12
N GLU D 253 -21.55 7.28 -9.30
CA GLU D 253 -22.10 6.80 -10.54
C GLU D 253 -21.87 5.29 -10.71
N LYS D 254 -20.67 4.79 -10.40
CA LYS D 254 -20.40 3.34 -10.36
C LYS D 254 -21.28 2.59 -9.39
N ASP D 255 -21.43 3.12 -8.20
CA ASP D 255 -22.29 2.49 -7.21
C ASP D 255 -23.73 2.46 -7.61
N LEU D 256 -24.16 3.38 -8.46
CA LEU D 256 -25.57 3.52 -8.82
C LEU D 256 -25.89 2.55 -9.94
N VAL D 257 -24.95 2.40 -10.87
CA VAL D 257 -25.05 1.44 -11.93
C VAL D 257 -25.17 0.02 -11.33
N THR D 258 -24.32 -0.32 -10.37
CA THR D 258 -24.39 -1.64 -9.75
C THR D 258 -25.72 -1.82 -9.04
N PHE D 259 -26.17 -0.76 -8.37
CA PHE D 259 -27.43 -0.70 -7.62
C PHE D 259 -28.62 -0.93 -8.54
N PHE D 260 -28.67 -0.17 -9.63
CA PHE D 260 -29.71 -0.31 -10.62
C PHE D 260 -29.74 -1.71 -11.23
N GLU D 261 -28.59 -2.31 -11.54
CA GLU D 261 -28.59 -3.68 -12.07
C GLU D 261 -29.31 -4.62 -11.10
N LYS D 262 -28.97 -4.46 -9.84
CA LYS D 262 -29.58 -5.20 -8.72
C LYS D 262 -31.15 -5.06 -8.70
N GLN D 263 -31.64 -3.93 -9.20
CA GLN D 263 -33.07 -3.62 -9.23
C GLN D 263 -33.73 -4.12 -10.52
N GLY D 264 -32.95 -4.77 -11.37
CA GLY D 264 -33.43 -5.37 -12.59
C GLY D 264 -33.15 -4.54 -13.83
N VAL D 265 -32.51 -3.39 -13.66
CA VAL D 265 -32.26 -2.47 -14.76
C VAL D 265 -31.05 -2.97 -15.58
N LYS D 266 -31.13 -2.84 -16.91
CA LYS D 266 -30.10 -3.32 -17.84
C LYS D 266 -29.46 -2.16 -18.59
N ILE D 267 -28.13 -2.19 -18.64
CA ILE D 267 -27.32 -1.07 -19.07
C ILE D 267 -26.71 -1.30 -20.45
N THR D 268 -26.75 -0.25 -21.26
CA THR D 268 -26.15 -0.25 -22.60
C THR D 268 -25.14 0.86 -22.70
N HIS D 269 -24.21 0.66 -23.63
CA HIS D 269 -23.09 1.54 -23.88
C HIS D 269 -23.08 1.74 -25.40
N PRO D 270 -24.05 2.50 -25.92
CA PRO D 270 -24.15 2.67 -27.38
C PRO D 270 -23.03 3.55 -28.00
N ASP D 271 -22.66 3.24 -29.25
CA ASP D 271 -21.81 4.11 -30.05
C ASP D 271 -22.32 5.56 -30.15
N LEU D 272 -21.57 6.50 -29.56
CA LEU D 272 -21.94 7.91 -29.54
C LEU D 272 -21.40 8.73 -30.71
N VAL D 273 -20.61 8.06 -31.56
CA VAL D 273 -20.06 8.74 -32.74
C VAL D 273 -21.21 9.42 -33.51
N PRO D 274 -22.26 8.63 -33.91
CA PRO D 274 -23.41 9.20 -34.62
C PRO D 274 -24.30 10.16 -33.82
N PHE D 275 -24.28 10.03 -32.50
CA PHE D 275 -24.99 10.94 -31.61
C PHE D 275 -24.38 12.33 -31.67
N LYS D 276 -23.06 12.42 -31.55
CA LYS D 276 -22.36 13.68 -31.68
C LYS D 276 -22.61 14.30 -33.07
N GLU D 277 -22.53 13.49 -34.14
CA GLU D 277 -22.65 14.00 -35.54
C GLU D 277 -24.05 14.49 -35.81
N SER D 278 -25.04 13.90 -35.12
CA SER D 278 -26.43 14.39 -35.13
C SER D 278 -26.58 15.82 -34.63
N MET D 279 -25.73 16.25 -33.70
CA MET D 279 -25.82 17.59 -33.07
C MET D 279 -25.37 18.74 -33.92
N LYS D 280 -24.72 18.42 -35.03
CA LYS D 280 -24.10 19.43 -35.91
C LYS D 280 -24.90 20.69 -36.25
N PRO D 281 -26.21 20.55 -36.59
CA PRO D 281 -27.09 21.72 -36.78
C PRO D 281 -27.44 22.54 -35.54
N TYR D 282 -27.31 21.96 -34.35
CA TYR D 282 -27.51 22.73 -33.15
C TYR D 282 -26.28 23.57 -32.87
N TYR D 283 -25.12 23.03 -33.24
CA TYR D 283 -23.85 23.71 -33.13
C TYR D 283 -23.71 24.78 -34.19
N ALA D 284 -24.46 24.62 -35.27
CA ALA D 284 -24.58 25.66 -36.31
C ALA D 284 -25.53 26.80 -35.90
N GLU D 285 -26.58 26.47 -35.16
CA GLU D 285 -27.50 27.44 -34.62
C GLU D 285 -26.87 28.21 -33.45
N PHE D 286 -26.06 27.49 -32.68
CA PHE D 286 -25.26 28.03 -31.59
C PHE D 286 -24.33 29.11 -32.10
N VAL D 287 -23.62 28.81 -33.19
CA VAL D 287 -22.66 29.74 -33.77
C VAL D 287 -23.37 30.93 -34.44
N LYS D 288 -24.56 30.69 -34.98
CA LYS D 288 -25.41 31.78 -35.44
C LYS D 288 -25.77 32.70 -34.27
N GLN D 289 -26.16 32.12 -33.13
CA GLN D 289 -26.63 32.86 -31.95
C GLN D 289 -25.51 33.64 -31.28
N THR D 290 -24.37 32.98 -31.12
CA THR D 290 -23.19 33.59 -30.50
C THR D 290 -22.29 34.06 -31.67
N GLY D 291 -21.25 34.82 -31.46
CA GLY D 291 -20.56 35.25 -32.65
C GLY D 291 -19.40 34.36 -33.06
N GLN D 292 -18.45 35.02 -33.70
CA GLN D 292 -17.03 34.71 -33.64
C GLN D 292 -16.66 34.08 -32.30
N LYS D 293 -17.21 34.67 -31.22
CA LYS D 293 -16.95 34.29 -29.81
C LYS D 293 -17.41 32.88 -29.45
N GLY D 294 -18.61 32.54 -29.91
CA GLY D 294 -19.14 31.19 -29.74
C GLY D 294 -18.36 30.21 -30.57
N GLU D 295 -18.20 30.54 -31.85
CA GLU D 295 -17.49 29.72 -32.85
C GLU D 295 -16.04 29.51 -32.48
N SER D 296 -15.38 30.56 -32.02
CA SER D 296 -14.01 30.44 -31.51
C SER D 296 -13.93 29.45 -30.34
N ALA D 297 -14.92 29.51 -29.49
CA ALA D 297 -14.89 28.77 -28.25
C ALA D 297 -14.93 27.31 -28.61
N LEU D 298 -15.87 26.96 -29.50
CA LEU D 298 -16.00 25.62 -30.04
C LEU D 298 -14.76 25.09 -30.79
N LYS D 299 -14.08 25.94 -31.54
CA LYS D 299 -12.91 25.53 -32.27
C LYS D 299 -11.79 25.21 -31.32
N GLN D 300 -11.61 26.11 -30.36
CA GLN D 300 -10.69 25.87 -29.25
C GLN D 300 -10.98 24.55 -28.56
N ILE D 301 -12.23 24.21 -28.33
CA ILE D 301 -12.54 22.96 -27.63
C ILE D 301 -12.33 21.73 -28.55
N GLU D 302 -12.66 21.86 -29.84
CA GLU D 302 -12.28 20.89 -30.89
C GLU D 302 -10.82 20.49 -30.76
N ALA D 303 -9.97 21.48 -30.49
CA ALA D 303 -8.52 21.28 -30.41
C ALA D 303 -8.15 20.39 -29.23
N ILE D 304 -8.55 20.82 -28.04
CA ILE D 304 -8.24 20.11 -26.78
C ILE D 304 -8.84 18.69 -26.67
N ASN D 305 -9.52 18.21 -27.72
CA ASN D 305 -9.80 16.77 -27.93
C ASN D 305 -8.62 16.14 -28.67
ZN ZN E . 22.25 25.19 3.38
C1 DAN F . 13.02 -29.67 4.56
C2 DAN F . 14.02 -28.88 5.23
C3 DAN F . 14.35 -29.08 6.53
C4 DAN F . 15.30 -28.12 7.21
C5 DAN F . 15.04 -26.69 6.63
C6 DAN F . 15.17 -26.69 5.09
C7 DAN F . 14.69 -25.41 4.37
C8 DAN F . 14.61 -25.65 2.85
C9 DAN F . 14.36 -24.33 2.10
C10 DAN F . 15.63 -24.69 8.06
C11 DAN F . 16.79 -23.89 8.55
N5 DAN F . 15.94 -25.66 7.17
O1A DAN F . 13.23 -30.44 3.66
O1B DAN F . 11.84 -29.47 4.88
O4 DAN F . 15.02 -28.19 8.63
O6 DAN F . 14.51 -27.79 4.43
O7 DAN F . 13.45 -24.85 4.90
O8 DAN F . 15.81 -26.24 2.33
O9 DAN F . 14.95 -23.19 2.76
O10 DAN F . 14.51 -24.49 8.48
C1 GOL G . 19.42 -40.82 -18.73
O1 GOL G . 19.76 -40.24 -19.97
C2 GOL G . 20.61 -40.93 -17.77
O2 GOL G . 20.92 -42.32 -17.58
C3 GOL G . 20.37 -40.04 -16.49
O3 GOL G . 20.55 -40.57 -15.16
C1 GOL H . 9.44 -28.57 -17.71
O1 GOL H . 9.89 -29.62 -18.54
C2 GOL H . 10.40 -27.37 -17.75
O2 GOL H . 10.77 -27.07 -16.44
C3 GOL H . 9.74 -26.15 -18.40
O3 GOL H . 10.69 -25.18 -18.78
ZN ZN I . 27.38 -45.76 -3.50
ZN ZN J . 16.45 -16.08 34.39
ZN ZN K . -20.48 0.14 -18.05
ZN ZN L . 21.82 10.97 -37.04
C1 GOL M . -6.72 28.49 -28.74
O1 GOL M . -6.77 29.93 -28.85
C2 GOL M . -7.08 27.78 -27.37
O2 GOL M . -6.29 28.29 -26.32
C3 GOL M . -6.85 26.24 -27.40
O3 GOL M . -7.99 25.41 -27.41
ZN ZN N . -15.10 33.98 14.84
#